data_3ZS8
#
_entry.id   3ZS8
#
_cell.length_a   110.276
_cell.length_b   110.276
_cell.length_c   315.956
_cell.angle_alpha   90.00
_cell.angle_beta   90.00
_cell.angle_gamma   120.00
#
_symmetry.space_group_name_H-M   'P 65 2 2'
#
loop_
_entity.id
_entity.type
_entity.pdbx_description
1 polymer 'ATPASE GET3'
2 polymer 'GOLGI TO ER TRAFFIC PROTEIN 1'
3 non-polymer 'ZINC ION'
#
loop_
_entity_poly.entity_id
_entity_poly.type
_entity_poly.pdbx_seq_one_letter_code
_entity_poly.pdbx_strand_id
1 'polypeptide(L)'
;MDLTVEPNLHSLITSTTHKWIFVGGKGGVGKTTSSCSIAIQMALSQPNKQFLLISTDPAHNLSDAFGEKFGKDARKVTGM
NNLSCMEIDPSAALKDMNDMAVSRANNNGSDGQGDDLGSLLQGGALADLTGSIPGIDEALSFMEVMKHIKRQEQGEGETF
DTVIFDTAPTGHTLRFLQLPNTLSKLLEKFGEITNKLGPMLNSFMGAGNVDISGKLNELKANVETIRQQFTDPDLTTFVC
VCISEFLSLYETERLIQELISYDMDVNSIIVNQLLFAENDQEHNCKRCQARWKMQKKYLDQIDELYEDFHVVKMPLCAGE
IRGLNNLTKFSQFLNKEYNPITDGKVIYELEDKE
;
A,B
2 'polypeptide(L)'
;TNKYHEKWISKFAPGNELSKKYLAKVKERHELKEFNNSISAQDNYAKWTKNNRKLDSLDKEINNLKDEIQSENKAFQAHL
HKLR
;
C,D
#
# COMPACT_ATOMS: atom_id res chain seq x y z
N THR A 4 14.94 -16.08 -21.44
CA THR A 4 16.26 -16.61 -21.12
C THR A 4 16.75 -16.22 -19.71
N VAL A 5 15.83 -15.69 -18.90
CA VAL A 5 16.11 -15.47 -17.48
C VAL A 5 15.34 -16.47 -16.62
N GLU A 6 16.07 -17.39 -15.99
CA GLU A 6 15.46 -18.50 -15.28
C GLU A 6 14.67 -18.05 -14.05
N PRO A 7 13.49 -18.66 -13.84
CA PRO A 7 12.60 -18.33 -12.72
C PRO A 7 13.06 -18.99 -11.45
N ASN A 8 14.32 -18.78 -11.11
CA ASN A 8 14.89 -19.27 -9.86
C ASN A 8 16.11 -18.45 -9.45
N LEU A 9 16.64 -18.77 -8.27
CA LEU A 9 17.79 -18.07 -7.69
C LEU A 9 19.13 -18.77 -7.90
N HIS A 10 19.15 -19.83 -8.70
CA HIS A 10 20.34 -20.66 -8.82
C HIS A 10 21.62 -19.83 -9.04
N SER A 11 21.61 -18.96 -10.05
CA SER A 11 22.76 -18.09 -10.30
C SER A 11 23.21 -17.37 -9.03
N LEU A 12 22.25 -16.83 -8.27
CA LEU A 12 22.56 -16.20 -6.99
C LEU A 12 23.06 -17.22 -5.98
N ILE A 13 22.31 -18.31 -5.83
CA ILE A 13 22.62 -19.34 -4.83
C ILE A 13 24.03 -19.91 -4.99
N THR A 14 24.46 -20.07 -6.23
CA THR A 14 25.79 -20.56 -6.52
C THR A 14 26.83 -19.45 -6.76
N SER A 15 26.44 -18.20 -6.55
CA SER A 15 27.33 -17.08 -6.85
C SER A 15 28.52 -16.98 -5.89
N THR A 16 29.72 -16.95 -6.46
CA THR A 16 30.93 -16.81 -5.67
C THR A 16 31.36 -15.37 -5.42
N THR A 17 30.80 -14.43 -6.17
CA THR A 17 31.15 -13.01 -6.02
C THR A 17 30.42 -12.25 -4.91
N HIS A 18 29.20 -12.67 -4.56
CA HIS A 18 28.33 -11.86 -3.72
C HIS A 18 28.66 -11.88 -2.24
N LYS A 19 29.02 -10.72 -1.68
CA LYS A 19 29.22 -10.62 -0.24
C LYS A 19 27.99 -10.12 0.54
N TRP A 20 27.02 -9.52 -0.15
CA TRP A 20 25.84 -9.00 0.54
C TRP A 20 24.55 -9.32 -0.21
N ILE A 21 23.68 -10.08 0.44
CA ILE A 21 22.35 -10.34 -0.10
C ILE A 21 21.30 -9.76 0.83
N PHE A 22 20.54 -8.80 0.33
CA PHE A 22 19.45 -8.22 1.09
C PHE A 22 18.11 -8.82 0.67
N VAL A 23 17.34 -9.26 1.66
CA VAL A 23 16.01 -9.81 1.43
C VAL A 23 14.97 -9.00 2.17
N GLY A 24 13.95 -8.52 1.47
CA GLY A 24 12.91 -7.75 2.12
C GLY A 24 11.56 -7.77 1.44
N GLY A 25 10.52 -7.54 2.22
CA GLY A 25 9.20 -7.28 1.70
C GLY A 25 8.22 -6.99 2.82
N LYS A 26 7.16 -6.24 2.51
CA LYS A 26 6.20 -5.84 3.53
C LYS A 26 4.96 -6.73 3.50
N GLY A 27 4.43 -7.00 4.69
CA GLY A 27 3.24 -7.80 4.84
C GLY A 27 3.48 -9.20 5.35
N GLY A 28 2.45 -10.03 5.26
CA GLY A 28 2.50 -11.41 5.69
C GLY A 28 3.08 -12.23 4.54
N VAL A 29 3.86 -11.54 3.73
CA VAL A 29 4.41 -12.07 2.50
C VAL A 29 5.38 -13.26 2.66
N GLY A 30 5.78 -13.57 3.88
CA GLY A 30 6.65 -14.72 4.06
C GLY A 30 8.13 -14.37 3.98
N LYS A 31 8.45 -13.12 4.28
CA LYS A 31 9.83 -12.63 4.17
C LYS A 31 10.85 -13.49 4.92
N THR A 32 10.65 -13.66 6.23
CA THR A 32 11.62 -14.37 7.06
C THR A 32 11.91 -15.79 6.60
N THR A 33 10.89 -16.49 6.12
CA THR A 33 11.09 -17.83 5.60
C THR A 33 11.95 -17.82 4.34
N SER A 34 11.71 -16.85 3.47
CA SER A 34 12.53 -16.70 2.27
C SER A 34 13.99 -16.47 2.63
N SER A 35 14.23 -15.62 3.64
CA SER A 35 15.60 -15.31 4.04
C SER A 35 16.34 -16.54 4.52
N CYS A 36 15.64 -17.39 5.26
CA CYS A 36 16.22 -18.62 5.77
C CYS A 36 16.49 -19.61 4.64
N SER A 37 15.56 -19.69 3.68
CA SER A 37 15.75 -20.57 2.54
C SER A 37 16.99 -20.17 1.73
N ILE A 38 17.04 -18.90 1.34
CA ILE A 38 18.17 -18.37 0.58
C ILE A 38 19.49 -18.66 1.26
N ALA A 39 19.54 -18.44 2.58
CA ALA A 39 20.74 -18.68 3.37
C ALA A 39 21.09 -20.16 3.45
N ILE A 40 20.09 -21.01 3.59
CA ILE A 40 20.31 -22.44 3.65
C ILE A 40 20.83 -22.98 2.31
N GLN A 41 20.24 -22.51 1.22
CA GLN A 41 20.63 -22.95 -0.12
C GLN A 41 22.08 -22.60 -0.47
N MET A 42 22.47 -21.36 -0.20
CA MET A 42 23.83 -20.94 -0.47
C MET A 42 24.79 -21.77 0.37
N ALA A 43 24.48 -21.87 1.65
CA ALA A 43 25.32 -22.62 2.58
C ALA A 43 25.56 -24.05 2.09
N LEU A 44 24.49 -24.74 1.69
CA LEU A 44 24.63 -26.11 1.22
C LEU A 44 25.41 -26.16 -0.09
N SER A 45 25.08 -25.26 -1.00
CA SER A 45 25.69 -25.23 -2.32
C SER A 45 27.16 -24.77 -2.32
N GLN A 46 27.60 -24.18 -1.22
CA GLN A 46 28.96 -23.66 -1.13
C GLN A 46 29.61 -24.00 0.22
N PRO A 47 29.82 -25.30 0.47
CA PRO A 47 30.34 -25.80 1.75
C PRO A 47 31.67 -25.17 2.15
N ASN A 48 32.39 -24.62 1.18
CA ASN A 48 33.70 -24.02 1.44
C ASN A 48 33.63 -22.63 2.07
N LYS A 49 32.50 -21.96 1.89
CA LYS A 49 32.32 -20.61 2.38
C LYS A 49 31.46 -20.61 3.64
N GLN A 50 31.73 -19.65 4.53
CA GLN A 50 30.97 -19.50 5.76
C GLN A 50 29.98 -18.35 5.65
N PHE A 51 28.72 -18.63 5.95
CA PHE A 51 27.64 -17.66 5.78
C PHE A 51 27.08 -17.18 7.11
N LEU A 52 26.55 -15.96 7.09
CA LEU A 52 25.90 -15.37 8.25
C LEU A 52 24.52 -14.84 7.83
N LEU A 53 23.50 -15.27 8.56
CA LEU A 53 22.15 -14.75 8.37
C LEU A 53 21.77 -13.91 9.59
N ILE A 54 21.49 -12.63 9.36
CA ILE A 54 21.18 -11.70 10.45
C ILE A 54 19.84 -11.03 10.23
N SER A 55 19.08 -10.84 11.31
CA SER A 55 17.75 -10.25 11.20
C SER A 55 17.51 -9.11 12.19
N THR A 56 17.13 -7.96 11.66
CA THR A 56 16.80 -6.79 12.49
C THR A 56 15.32 -6.76 12.81
N ASP A 57 14.57 -7.69 12.21
CA ASP A 57 13.15 -7.82 12.50
C ASP A 57 12.99 -7.99 14.02
N PRO A 58 12.16 -7.14 14.64
CA PRO A 58 12.00 -7.14 16.09
C PRO A 58 11.34 -8.42 16.59
N ALA A 59 10.51 -9.03 15.75
CA ALA A 59 9.72 -10.20 16.14
C ALA A 59 10.57 -11.42 16.47
N HIS A 60 11.88 -11.32 16.25
CA HIS A 60 12.80 -12.44 16.50
C HIS A 60 12.38 -13.69 15.72
N ASN A 61 12.20 -13.53 14.42
CA ASN A 61 11.69 -14.62 13.60
C ASN A 61 12.67 -15.76 13.35
N LEU A 62 13.97 -15.47 13.39
CA LEU A 62 14.96 -16.51 13.11
C LEU A 62 14.90 -17.64 14.12
N SER A 63 14.97 -17.30 15.41
CA SER A 63 14.89 -18.31 16.45
C SER A 63 13.62 -19.13 16.32
N ASP A 64 12.55 -18.48 15.89
CA ASP A 64 11.27 -19.12 15.71
C ASP A 64 11.26 -20.07 14.51
N ALA A 65 12.00 -19.71 13.47
CA ALA A 65 12.00 -20.49 12.24
C ALA A 65 12.89 -21.73 12.33
N PHE A 66 14.05 -21.58 12.94
CA PHE A 66 14.98 -22.68 13.09
C PHE A 66 14.72 -23.53 14.32
N GLY A 67 13.93 -23.01 15.25
CA GLY A 67 13.58 -23.72 16.46
C GLY A 67 14.68 -23.77 17.50
N GLU A 68 15.55 -22.76 17.51
CA GLU A 68 16.59 -22.63 18.53
C GLU A 68 16.88 -21.16 18.76
N LYS A 69 17.45 -20.84 19.93
CA LYS A 69 17.58 -19.43 20.32
C LYS A 69 18.82 -18.74 19.74
N PHE A 70 18.59 -17.58 19.14
CA PHE A 70 19.66 -16.77 18.56
C PHE A 70 19.68 -15.39 19.20
N GLY A 71 20.80 -14.68 19.05
CA GLY A 71 20.95 -13.39 19.68
C GLY A 71 22.08 -12.58 19.09
N LYS A 72 22.49 -11.54 19.83
CA LYS A 72 23.60 -10.68 19.40
C LYS A 72 24.87 -11.47 19.12
N ASP A 73 24.98 -12.67 19.71
CA ASP A 73 26.14 -13.52 19.50
C ASP A 73 25.89 -14.56 18.42
N ALA A 74 26.70 -14.51 17.36
CA ALA A 74 26.54 -15.41 16.23
C ALA A 74 26.71 -16.88 16.65
N ARG A 75 25.70 -17.68 16.31
CA ARG A 75 25.71 -19.11 16.63
C ARG A 75 25.59 -19.92 15.34
N LYS A 76 26.28 -21.05 15.26
CA LYS A 76 26.06 -21.98 14.16
C LYS A 76 24.71 -22.65 14.33
N VAL A 77 23.90 -22.65 13.29
CA VAL A 77 22.60 -23.30 13.39
C VAL A 77 22.82 -24.80 13.45
N THR A 78 22.28 -25.43 14.48
CA THR A 78 22.49 -26.85 14.69
C THR A 78 22.06 -27.67 13.48
N GLY A 79 22.98 -28.46 12.96
CA GLY A 79 22.74 -29.26 11.77
C GLY A 79 23.48 -28.74 10.55
N MET A 80 23.98 -27.51 10.66
CA MET A 80 24.71 -26.85 9.59
C MET A 80 26.06 -26.41 10.12
N ASN A 81 27.15 -26.78 9.46
CA ASN A 81 28.45 -26.27 9.90
C ASN A 81 28.94 -25.00 9.19
N ASN A 82 28.31 -24.63 8.08
CA ASN A 82 28.65 -23.37 7.41
C ASN A 82 27.72 -22.16 7.60
N LEU A 83 26.62 -22.34 8.32
CA LEU A 83 25.64 -21.27 8.49
C LEU A 83 25.45 -20.84 9.94
N SER A 84 25.49 -19.55 10.18
CA SER A 84 25.28 -19.00 11.52
C SER A 84 24.16 -17.95 11.50
N CYS A 85 23.63 -17.64 12.69
CA CYS A 85 22.55 -16.66 12.80
C CYS A 85 22.77 -15.58 13.86
N MET A 86 22.30 -14.38 13.56
CA MET A 86 22.28 -13.28 14.52
C MET A 86 20.91 -12.59 14.52
N GLU A 87 20.37 -12.40 15.71
CA GLU A 87 19.20 -11.56 15.88
C GLU A 87 19.56 -10.40 16.79
N ILE A 88 19.44 -9.18 16.26
CA ILE A 88 19.79 -7.99 17.02
C ILE A 88 18.72 -6.91 16.92
N ASP A 89 18.65 -6.07 17.94
CA ASP A 89 17.78 -4.90 17.92
C ASP A 89 18.65 -3.66 17.75
N PRO A 90 18.57 -3.03 16.56
CA PRO A 90 19.40 -1.86 16.25
C PRO A 90 19.03 -0.65 17.09
N SER A 91 17.82 -0.64 17.66
CA SER A 91 17.43 0.40 18.60
C SER A 91 18.25 0.30 19.87
N ALA A 92 18.23 -0.87 20.50
CA ALA A 92 19.00 -1.11 21.72
C ALA A 92 20.48 -0.81 21.49
N ALA A 93 21.05 -1.46 20.48
CA ALA A 93 22.44 -1.21 20.09
C ALA A 93 22.67 0.28 19.90
N LEU A 94 21.68 0.96 19.32
CA LEU A 94 21.74 2.40 19.12
C LEU A 94 21.96 3.12 20.43
N LYS A 95 21.01 3.00 21.35
CA LYS A 95 21.13 3.65 22.65
C LYS A 95 22.50 3.34 23.27
N ASP A 96 22.92 2.09 23.16
CA ASP A 96 24.22 1.66 23.71
C ASP A 96 25.30 2.73 23.53
N GLY A 135 17.95 9.98 6.37
CA GLY A 135 19.03 9.05 6.11
C GLY A 135 20.05 8.97 7.23
N ILE A 136 20.01 9.93 8.13
CA ILE A 136 20.94 9.96 9.26
C ILE A 136 20.52 8.96 10.35
N ASP A 137 19.23 8.91 10.61
CA ASP A 137 18.71 8.01 11.63
C ASP A 137 18.98 6.55 11.26
N GLU A 138 18.76 6.22 9.98
CA GLU A 138 18.99 4.85 9.51
C GLU A 138 20.48 4.50 9.50
N ALA A 139 21.31 5.47 9.13
CA ALA A 139 22.76 5.26 9.06
C ALA A 139 23.32 4.86 10.42
N LEU A 140 22.90 5.57 11.46
CA LEU A 140 23.39 5.30 12.80
C LEU A 140 22.93 3.94 13.30
N SER A 141 21.70 3.57 12.91
CA SER A 141 21.16 2.25 13.24
C SER A 141 21.97 1.15 12.55
N PHE A 142 22.34 1.38 11.30
CA PHE A 142 23.06 0.39 10.51
C PHE A 142 24.51 0.23 10.93
N MET A 143 25.17 1.34 11.25
CA MET A 143 26.57 1.29 11.68
C MET A 143 26.73 0.41 12.93
N GLU A 144 25.65 0.26 13.67
CA GLU A 144 25.66 -0.59 14.86
C GLU A 144 25.69 -2.08 14.50
N VAL A 145 24.99 -2.46 13.43
CA VAL A 145 24.97 -3.86 13.00
C VAL A 145 26.29 -4.26 12.35
N MET A 146 26.98 -3.31 11.73
CA MET A 146 28.28 -3.54 11.12
C MET A 146 29.34 -3.76 12.19
N LYS A 147 29.21 -3.04 13.30
CA LYS A 147 30.11 -3.21 14.43
C LYS A 147 29.95 -4.59 15.05
N HIS A 148 28.70 -5.00 15.27
CA HIS A 148 28.39 -6.32 15.81
C HIS A 148 29.00 -7.43 14.95
N ILE A 149 28.89 -7.29 13.64
CA ILE A 149 29.37 -8.31 12.70
C ILE A 149 30.89 -8.49 12.79
N LYS A 150 31.63 -7.39 12.70
CA LYS A 150 33.09 -7.45 12.75
C LYS A 150 33.57 -7.86 14.14
N ARG A 151 32.70 -7.71 15.13
CA ARG A 151 33.02 -8.11 16.49
C ARG A 151 32.88 -9.63 16.64
N GLN A 152 31.97 -10.21 15.87
CA GLN A 152 31.77 -11.66 15.86
C GLN A 152 32.86 -12.33 15.05
N GLU A 153 33.39 -11.62 14.07
CA GLU A 153 34.47 -12.14 13.22
C GLU A 153 35.82 -12.09 13.94
N GLN A 154 36.10 -10.97 14.60
CA GLN A 154 37.35 -10.79 15.32
C GLN A 154 37.46 -11.78 16.49
N GLU A 158 36.52 -16.43 13.29
CA GLU A 158 35.87 -16.95 12.09
C GLU A 158 35.20 -15.84 11.30
N THR A 159 35.77 -15.50 10.15
CA THR A 159 35.25 -14.44 9.30
C THR A 159 34.22 -14.98 8.30
N PHE A 160 33.13 -14.23 8.12
CA PHE A 160 32.07 -14.63 7.20
C PHE A 160 32.35 -14.16 5.78
N ASP A 161 32.13 -15.05 4.81
CA ASP A 161 32.34 -14.74 3.41
C ASP A 161 31.17 -13.97 2.79
N THR A 162 29.96 -14.31 3.18
CA THR A 162 28.76 -13.66 2.66
C THR A 162 27.65 -13.52 3.70
N VAL A 163 27.03 -12.34 3.76
CA VAL A 163 25.99 -12.08 4.73
C VAL A 163 24.61 -11.93 4.09
N ILE A 164 23.61 -12.55 4.71
CA ILE A 164 22.23 -12.44 4.28
C ILE A 164 21.48 -11.61 5.30
N PHE A 165 20.95 -10.47 4.87
CA PHE A 165 20.19 -9.61 5.76
C PHE A 165 18.70 -9.85 5.59
N ASP A 166 18.05 -10.23 6.68
CA ASP A 166 16.60 -10.21 6.68
C ASP A 166 16.22 -8.82 7.20
N THR A 167 15.76 -7.97 6.31
CA THR A 167 15.51 -6.58 6.66
C THR A 167 14.17 -6.43 7.37
N ALA A 168 14.02 -5.38 8.17
CA ALA A 168 12.77 -5.14 8.87
C ALA A 168 11.63 -4.94 7.87
N PRO A 169 10.45 -5.50 8.18
CA PRO A 169 9.31 -5.45 7.25
C PRO A 169 8.79 -4.04 7.06
N THR A 170 9.17 -3.14 7.96
CA THR A 170 8.68 -1.77 7.93
C THR A 170 9.83 -0.78 7.83
N GLY A 171 9.48 0.50 7.76
CA GLY A 171 10.48 1.55 7.67
C GLY A 171 11.37 1.29 6.48
N HIS A 172 12.55 1.91 6.46
CA HIS A 172 13.50 1.62 5.41
C HIS A 172 14.88 1.33 5.98
N THR A 173 15.28 0.07 5.86
CA THR A 173 16.53 -0.39 6.41
C THR A 173 17.67 0.27 5.66
N LEU A 174 17.44 0.52 4.38
CA LEU A 174 18.49 0.95 3.47
C LEU A 174 18.62 2.45 3.25
N ARG A 175 17.87 3.25 3.98
CA ARG A 175 18.11 4.69 3.93
C ARG A 175 19.60 4.89 4.19
N PHE A 176 20.20 3.97 4.95
CA PHE A 176 21.64 3.96 5.04
C PHE A 176 22.24 3.68 3.67
N LEU A 177 21.70 2.71 2.95
CA LEU A 177 22.20 2.43 1.61
C LEU A 177 22.34 3.75 0.86
N GLN A 178 21.34 4.62 1.02
CA GLN A 178 21.41 5.94 0.42
C GLN A 178 22.42 6.82 1.16
N LEU A 179 22.81 6.39 2.36
CA LEU A 179 23.77 7.16 3.16
C LEU A 179 25.21 7.25 2.65
N PRO A 180 25.87 6.12 2.33
CA PRO A 180 27.25 6.25 1.87
C PRO A 180 27.36 7.28 0.75
N ASN A 181 26.24 7.54 0.08
CA ASN A 181 26.11 8.72 -0.75
C ASN A 181 26.04 9.96 0.12
N THR A 182 25.13 9.94 1.09
CA THR A 182 24.93 11.08 1.98
C THR A 182 26.07 11.24 3.00
N LEU A 183 26.64 10.12 3.45
CA LEU A 183 27.74 10.14 4.41
C LEU A 183 29.03 10.64 3.76
N SER A 184 29.26 10.25 2.51
CA SER A 184 30.42 10.73 1.76
C SER A 184 30.26 12.21 1.42
N LYS A 185 29.02 12.69 1.39
CA LYS A 185 28.74 14.10 1.19
C LYS A 185 28.95 14.86 2.49
N LEU A 186 28.91 14.13 3.60
CA LEU A 186 29.27 14.67 4.90
C LEU A 186 30.79 14.85 4.92
N LEU A 187 31.49 13.91 4.29
CA LEU A 187 32.95 13.97 4.21
C LEU A 187 33.45 14.93 3.12
N GLU A 188 32.62 15.16 2.11
CA GLU A 188 32.96 16.14 1.08
C GLU A 188 32.82 17.55 1.62
N LYS A 189 31.82 17.73 2.49
CA LYS A 189 31.59 19.01 3.15
C LYS A 189 32.52 19.20 4.35
N PHE A 190 32.92 18.08 4.96
CA PHE A 190 33.84 18.10 6.10
C PHE A 190 35.25 18.51 5.68
N GLY A 191 35.80 17.80 4.70
CA GLY A 191 37.12 18.10 4.19
C GLY A 191 37.18 19.51 3.63
N GLU A 192 36.01 20.04 3.32
CA GLU A 192 35.89 21.40 2.82
C GLU A 192 36.33 22.41 3.88
N ILE A 193 36.21 22.02 5.14
CA ILE A 193 36.66 22.84 6.28
C ILE A 193 38.17 22.76 6.53
N THR A 194 38.74 21.57 6.36
CA THR A 194 40.16 21.33 6.64
C THR A 194 41.07 22.39 6.02
N ASN A 195 40.86 22.67 4.74
CA ASN A 195 41.70 23.61 4.02
C ASN A 195 41.68 25.02 4.60
N LYS A 196 40.74 25.27 5.50
CA LYS A 196 40.62 26.58 6.14
C LYS A 196 41.67 26.76 7.24
N LEU A 197 41.54 25.97 8.31
CA LEU A 197 42.42 26.09 9.47
C LEU A 197 43.90 25.95 9.09
N LYS A 220 37.44 8.27 5.41
CA LYS A 220 36.47 8.54 4.36
C LYS A 220 36.38 7.40 3.35
N ALA A 221 37.51 7.06 2.74
CA ALA A 221 37.57 5.96 1.78
C ALA A 221 37.04 4.68 2.42
N ASN A 222 37.09 4.64 3.74
CA ASN A 222 36.57 3.52 4.52
C ASN A 222 35.08 3.30 4.29
N VAL A 223 34.31 4.37 4.24
CA VAL A 223 32.90 4.31 3.89
C VAL A 223 32.71 4.26 2.37
N GLU A 224 33.58 4.97 1.64
CA GLU A 224 33.46 5.04 0.20
C GLU A 224 33.48 3.64 -0.42
N THR A 225 34.42 2.81 0.02
CA THR A 225 34.53 1.45 -0.49
C THR A 225 33.26 0.65 -0.13
N ILE A 226 32.59 1.07 0.93
CA ILE A 226 31.30 0.48 1.30
C ILE A 226 30.26 0.85 0.25
N ARG A 227 30.16 2.13 -0.07
CA ARG A 227 29.26 2.57 -1.13
C ARG A 227 29.52 1.79 -2.42
N GLN A 228 30.80 1.65 -2.77
CA GLN A 228 31.18 0.93 -3.98
C GLN A 228 30.74 -0.53 -3.90
N GLN A 229 30.86 -1.12 -2.72
CA GLN A 229 30.47 -2.51 -2.50
C GLN A 229 28.96 -2.73 -2.58
N PHE A 230 28.19 -1.72 -2.17
CA PHE A 230 26.75 -1.82 -2.22
C PHE A 230 26.18 -1.54 -3.61
N THR A 231 26.87 -0.71 -4.39
CA THR A 231 26.44 -0.46 -5.76
C THR A 231 27.07 -1.42 -6.77
N ASP A 232 27.83 -2.39 -6.28
CA ASP A 232 28.46 -3.37 -7.14
C ASP A 232 27.57 -4.61 -7.26
N PRO A 233 26.93 -4.79 -8.42
CA PRO A 233 25.97 -5.89 -8.65
C PRO A 233 26.56 -7.28 -8.38
N ASP A 234 27.88 -7.42 -8.52
CA ASP A 234 28.52 -8.71 -8.28
C ASP A 234 28.75 -8.95 -6.79
N LEU A 235 28.92 -7.86 -6.04
CA LEU A 235 29.08 -7.93 -4.59
C LEU A 235 27.76 -7.99 -3.83
N THR A 236 26.78 -7.24 -4.33
CA THR A 236 25.57 -6.99 -3.56
C THR A 236 24.32 -7.01 -4.44
N THR A 237 23.24 -7.54 -3.88
CA THR A 237 21.98 -7.56 -4.59
C THR A 237 20.82 -7.60 -3.60
N PHE A 238 19.65 -7.19 -4.05
CA PHE A 238 18.47 -7.21 -3.21
C PHE A 238 17.46 -8.21 -3.76
N VAL A 239 16.84 -8.96 -2.86
CA VAL A 239 15.82 -9.92 -3.27
C VAL A 239 14.49 -9.56 -2.65
N CYS A 240 13.54 -9.22 -3.50
CA CYS A 240 12.21 -8.82 -3.05
C CYS A 240 11.30 -10.01 -2.81
N VAL A 241 10.49 -9.92 -1.76
CA VAL A 241 9.53 -10.95 -1.45
C VAL A 241 8.12 -10.40 -1.51
N CYS A 242 7.26 -11.02 -2.31
CA CYS A 242 5.87 -10.60 -2.42
C CYS A 242 4.98 -11.82 -2.53
N ILE A 243 3.67 -11.59 -2.57
CA ILE A 243 2.71 -12.62 -2.90
C ILE A 243 1.87 -12.06 -4.03
N SER A 244 1.13 -12.88 -4.74
CA SER A 244 0.45 -12.33 -5.89
C SER A 244 -0.91 -11.83 -5.43
N GLU A 245 -0.95 -10.53 -5.24
CA GLU A 245 -2.14 -9.77 -4.88
C GLU A 245 -1.79 -8.34 -5.22
N PHE A 246 -2.78 -7.49 -5.42
CA PHE A 246 -2.48 -6.14 -5.88
C PHE A 246 -1.57 -5.38 -4.92
N LEU A 247 -1.99 -5.22 -3.68
CA LEU A 247 -1.22 -4.40 -2.73
C LEU A 247 0.23 -4.84 -2.59
N SER A 248 0.45 -6.13 -2.40
CA SER A 248 1.81 -6.65 -2.29
C SER A 248 2.61 -6.29 -3.54
N LEU A 249 2.01 -6.44 -4.71
CA LEU A 249 2.70 -6.16 -5.96
C LEU A 249 2.99 -4.67 -6.17
N TYR A 250 2.10 -3.82 -5.70
CA TYR A 250 2.31 -2.38 -5.76
C TYR A 250 3.45 -2.01 -4.84
N GLU A 251 3.33 -2.43 -3.59
CA GLU A 251 4.37 -2.19 -2.60
C GLU A 251 5.72 -2.72 -3.07
N THR A 252 5.68 -3.84 -3.78
CA THR A 252 6.90 -4.45 -4.32
C THR A 252 7.52 -3.60 -5.44
N GLU A 253 6.70 -3.04 -6.31
CA GLU A 253 7.16 -2.14 -7.36
C GLU A 253 7.86 -0.93 -6.78
N ARG A 254 7.20 -0.28 -5.83
CA ARG A 254 7.77 0.92 -5.24
C ARG A 254 9.09 0.59 -4.55
N LEU A 255 9.17 -0.58 -3.93
CA LEU A 255 10.41 -1.01 -3.29
C LEU A 255 11.51 -1.07 -4.33
N ILE A 256 11.23 -1.75 -5.44
CA ILE A 256 12.18 -1.85 -6.53
C ILE A 256 12.68 -0.48 -6.99
N GLN A 257 11.75 0.43 -7.25
CA GLN A 257 12.10 1.79 -7.66
C GLN A 257 13.03 2.46 -6.65
N GLU A 258 12.62 2.49 -5.37
CA GLU A 258 13.47 3.06 -4.33
C GLU A 258 14.86 2.45 -4.39
N LEU A 259 14.92 1.14 -4.56
CA LEU A 259 16.20 0.45 -4.63
C LEU A 259 17.04 0.93 -5.81
N ILE A 260 16.41 1.04 -6.97
CA ILE A 260 17.11 1.53 -8.16
C ILE A 260 17.67 2.93 -7.94
N SER A 261 16.96 3.72 -7.14
CA SER A 261 17.36 5.10 -6.89
C SER A 261 18.63 5.16 -6.03
N TYR A 262 18.92 4.06 -5.33
CA TYR A 262 20.13 3.97 -4.51
C TYR A 262 21.26 3.32 -5.31
N ASP A 263 20.97 2.99 -6.56
CA ASP A 263 21.89 2.26 -7.43
C ASP A 263 22.16 0.85 -6.88
N MET A 264 21.19 0.35 -6.13
CA MET A 264 21.21 -1.01 -5.61
C MET A 264 20.69 -1.96 -6.67
N ASP A 265 21.40 -3.05 -6.88
CA ASP A 265 21.01 -4.03 -7.88
C ASP A 265 19.89 -4.91 -7.35
N VAL A 266 18.76 -4.90 -8.03
CA VAL A 266 17.72 -5.87 -7.75
C VAL A 266 17.26 -6.51 -9.05
N ASN A 267 17.62 -7.78 -9.25
CA ASN A 267 17.08 -8.60 -10.32
C ASN A 267 16.07 -9.69 -9.89
N SER A 268 15.83 -9.82 -8.59
CA SER A 268 15.15 -11.02 -8.10
C SER A 268 13.88 -10.81 -7.27
N ILE A 269 12.80 -11.47 -7.68
CA ILE A 269 11.54 -11.43 -6.91
C ILE A 269 11.02 -12.82 -6.58
N ILE A 270 10.81 -13.08 -5.30
CA ILE A 270 10.21 -14.33 -4.83
C ILE A 270 8.72 -14.15 -4.57
N VAL A 271 7.89 -14.90 -5.30
CA VAL A 271 6.45 -14.85 -5.10
C VAL A 271 5.98 -16.05 -4.29
N ASN A 272 5.58 -15.81 -3.05
CA ASN A 272 5.21 -16.90 -2.15
C ASN A 272 3.70 -17.19 -2.08
N GLN A 273 3.36 -18.24 -1.34
CA GLN A 273 1.98 -18.62 -1.09
C GLN A 273 1.11 -18.91 -2.32
N LEU A 274 1.72 -19.41 -3.39
CA LEU A 274 0.97 -19.78 -4.57
C LEU A 274 0.35 -21.18 -4.42
N LEU A 275 -0.91 -21.31 -4.83
CA LEU A 275 -1.66 -22.56 -4.65
C LEU A 275 -1.39 -23.65 -5.70
N PHE A 276 -1.33 -23.26 -6.98
CA PHE A 276 -1.31 -24.22 -8.08
C PHE A 276 -2.47 -25.21 -7.93
N ALA A 277 -3.68 -24.70 -7.72
CA ALA A 277 -4.82 -25.53 -7.32
C ALA A 277 -5.23 -26.56 -8.36
N GLU A 278 -5.01 -26.27 -9.64
CA GLU A 278 -5.47 -27.16 -10.70
C GLU A 278 -4.82 -28.54 -10.67
N ASN A 279 -3.77 -28.68 -9.87
CA ASN A 279 -3.07 -29.95 -9.73
C ASN A 279 -3.49 -30.72 -8.49
N CYS A 285 -10.79 -28.40 -3.98
CA CYS A 285 -11.33 -27.32 -3.17
C CYS A 285 -11.74 -26.13 -4.03
N LYS A 286 -13.04 -25.87 -4.14
CA LYS A 286 -13.54 -24.80 -5.00
C LYS A 286 -12.99 -23.43 -4.59
N ARG A 287 -12.79 -23.22 -3.29
CA ARG A 287 -12.27 -21.94 -2.79
C ARG A 287 -10.83 -21.73 -3.24
N CYS A 288 -9.95 -22.66 -2.90
CA CYS A 288 -8.57 -22.61 -3.38
C CYS A 288 -8.50 -22.39 -4.89
N GLN A 289 -9.26 -23.18 -5.65
CA GLN A 289 -9.28 -23.09 -7.11
C GLN A 289 -9.47 -21.65 -7.58
N ALA A 290 -10.40 -20.95 -6.95
CA ALA A 290 -10.73 -19.59 -7.35
C ALA A 290 -9.60 -18.65 -7.01
N ARG A 291 -9.13 -18.73 -5.76
CA ARG A 291 -8.02 -17.93 -5.28
C ARG A 291 -6.83 -18.04 -6.23
N TRP A 292 -6.54 -19.28 -6.63
CA TRP A 292 -5.46 -19.53 -7.57
C TRP A 292 -5.71 -18.86 -8.92
N LYS A 293 -6.97 -18.74 -9.29
CA LYS A 293 -7.29 -18.11 -10.57
C LYS A 293 -6.85 -16.66 -10.55
N MET A 294 -7.01 -16.01 -9.39
CA MET A 294 -6.55 -14.64 -9.22
C MET A 294 -5.02 -14.58 -9.20
N GLN A 295 -4.41 -15.40 -8.33
CA GLN A 295 -2.95 -15.39 -8.20
C GLN A 295 -2.28 -15.47 -9.57
N LYS A 296 -2.86 -16.26 -10.46
CA LYS A 296 -2.30 -16.46 -11.79
C LYS A 296 -2.61 -15.27 -12.68
N LYS A 297 -3.71 -14.58 -12.40
CA LYS A 297 -4.05 -13.37 -13.14
C LYS A 297 -2.90 -12.38 -13.04
N TYR A 298 -2.49 -12.10 -11.81
CA TYR A 298 -1.39 -11.17 -11.56
C TYR A 298 -0.06 -11.78 -11.97
N LEU A 299 0.09 -13.09 -11.77
CA LEU A 299 1.32 -13.77 -12.16
C LEU A 299 1.66 -13.50 -13.61
N ASP A 300 0.65 -13.56 -14.47
CA ASP A 300 0.88 -13.39 -15.89
C ASP A 300 1.41 -12.00 -16.18
N GLN A 301 0.92 -11.03 -15.43
CA GLN A 301 1.33 -9.64 -15.61
C GLN A 301 2.67 -9.29 -14.95
N ILE A 302 2.97 -9.92 -13.82
CA ILE A 302 4.30 -9.82 -13.23
C ILE A 302 5.36 -10.21 -14.25
N ASP A 303 5.11 -11.31 -14.97
CA ASP A 303 6.07 -11.82 -15.95
C ASP A 303 6.32 -10.83 -17.08
N GLU A 304 5.29 -10.05 -17.42
CA GLU A 304 5.41 -9.04 -18.45
C GLU A 304 6.08 -7.78 -17.92
N LEU A 305 5.86 -7.50 -16.64
CA LEU A 305 6.37 -6.29 -16.01
C LEU A 305 7.88 -6.34 -15.79
N TYR A 306 8.38 -7.42 -15.20
CA TYR A 306 9.81 -7.60 -15.10
C TYR A 306 10.21 -8.81 -15.91
N GLU A 307 10.72 -8.57 -17.11
CA GLU A 307 11.12 -9.65 -18.01
C GLU A 307 12.52 -10.13 -17.68
N ASP A 308 13.39 -9.17 -17.38
CA ASP A 308 14.80 -9.42 -17.15
C ASP A 308 15.06 -9.75 -15.69
N PHE A 309 14.00 -9.79 -14.90
CA PHE A 309 14.08 -10.26 -13.52
C PHE A 309 14.03 -11.79 -13.42
N HIS A 310 14.61 -12.32 -12.34
CA HIS A 310 14.31 -13.69 -11.98
C HIS A 310 13.12 -13.59 -11.08
N VAL A 311 11.96 -13.99 -11.57
CA VAL A 311 10.80 -14.02 -10.73
C VAL A 311 10.46 -15.48 -10.45
N VAL A 312 10.72 -15.89 -9.21
CA VAL A 312 10.59 -17.29 -8.82
C VAL A 312 9.28 -17.55 -8.08
N LYS A 313 8.56 -18.56 -8.54
CA LYS A 313 7.23 -18.85 -8.01
C LYS A 313 7.27 -20.00 -7.00
N MET A 314 6.97 -19.65 -5.76
CA MET A 314 6.99 -20.56 -4.62
C MET A 314 5.61 -21.03 -4.16
N PRO A 315 5.46 -22.34 -3.93
CA PRO A 315 4.20 -22.97 -3.54
C PRO A 315 3.80 -22.62 -2.12
N LEU A 316 2.51 -22.41 -1.87
CA LEU A 316 2.00 -22.25 -0.51
C LEU A 316 2.12 -23.56 0.26
N CYS A 317 2.54 -23.48 1.51
CA CYS A 317 2.56 -24.65 2.38
C CYS A 317 1.64 -24.42 3.58
N ALA A 318 0.70 -25.34 3.78
CA ALA A 318 -0.23 -25.24 4.90
C ALA A 318 0.53 -25.26 6.22
N GLY A 319 0.10 -24.43 7.16
CA GLY A 319 0.81 -24.29 8.41
C GLY A 319 2.13 -23.58 8.19
N GLU A 320 2.91 -23.41 9.26
CA GLU A 320 4.16 -22.68 9.15
C GLU A 320 5.37 -23.61 9.08
N ILE A 321 6.28 -23.29 8.16
CA ILE A 321 7.50 -24.07 7.96
C ILE A 321 8.53 -23.71 9.03
N ARG A 322 8.99 -24.73 9.76
CA ARG A 322 9.94 -24.53 10.85
C ARG A 322 10.91 -25.70 10.98
N GLY A 323 12.10 -25.42 11.50
CA GLY A 323 13.13 -26.41 11.67
C GLY A 323 13.97 -26.53 10.42
N LEU A 324 15.23 -26.90 10.59
CA LEU A 324 16.16 -27.08 9.47
C LEU A 324 15.61 -28.01 8.39
N ASN A 325 15.16 -29.18 8.80
CA ASN A 325 14.66 -30.18 7.86
C ASN A 325 13.62 -29.64 6.90
N ASN A 326 12.50 -29.17 7.45
CA ASN A 326 11.42 -28.68 6.60
C ASN A 326 11.87 -27.51 5.75
N LEU A 327 12.63 -26.60 6.35
CA LEU A 327 13.21 -25.47 5.63
C LEU A 327 14.10 -25.91 4.45
N THR A 328 15.01 -26.86 4.68
CA THR A 328 15.87 -27.32 3.59
C THR A 328 15.04 -27.90 2.46
N LYS A 329 14.04 -28.70 2.83
CA LYS A 329 13.22 -29.38 1.82
C LYS A 329 12.44 -28.37 0.99
N PHE A 330 12.00 -27.30 1.65
CA PHE A 330 11.25 -26.23 1.00
C PHE A 330 12.15 -25.28 0.21
N SER A 331 13.34 -25.01 0.74
CA SER A 331 14.26 -24.06 0.14
C SER A 331 14.82 -24.50 -1.21
N GLN A 332 14.64 -25.76 -1.57
CA GLN A 332 15.19 -26.25 -2.83
C GLN A 332 14.44 -25.69 -4.02
N PHE A 333 13.24 -25.20 -3.78
CA PHE A 333 12.41 -24.69 -4.85
C PHE A 333 12.79 -23.27 -5.23
N LEU A 334 13.78 -22.74 -4.51
CA LEU A 334 14.45 -21.50 -4.92
C LEU A 334 15.51 -21.81 -5.96
N ASN A 335 16.20 -22.93 -5.78
CA ASN A 335 17.24 -23.35 -6.71
C ASN A 335 16.67 -23.97 -7.99
N LYS A 336 15.78 -24.93 -7.84
CA LYS A 336 15.11 -25.53 -8.99
C LYS A 336 13.63 -25.26 -8.85
N GLU A 337 13.05 -24.62 -9.86
CA GLU A 337 11.67 -24.18 -9.75
C GLU A 337 10.71 -25.30 -9.40
N TYR A 338 9.89 -25.04 -8.40
CA TYR A 338 8.86 -25.99 -7.98
C TYR A 338 7.96 -26.30 -9.16
N ASN A 339 7.65 -27.58 -9.35
CA ASN A 339 6.69 -28.02 -10.34
C ASN A 339 5.51 -28.69 -9.66
N PRO A 340 4.32 -28.08 -9.76
CA PRO A 340 3.15 -28.58 -9.02
C PRO A 340 2.85 -30.03 -9.38
N ILE A 341 3.17 -30.42 -10.61
CA ILE A 341 2.96 -31.78 -11.06
C ILE A 341 3.84 -32.80 -10.33
N THR A 342 5.16 -32.64 -10.44
CA THR A 342 6.10 -33.59 -9.86
C THR A 342 6.39 -33.36 -8.38
N ASP A 343 6.46 -32.10 -7.98
CA ASP A 343 6.92 -31.75 -6.64
C ASP A 343 5.83 -31.75 -5.57
N GLY A 344 4.58 -31.87 -6.00
CA GLY A 344 3.45 -31.84 -5.07
C GLY A 344 3.61 -32.73 -3.85
N LYS A 345 4.13 -33.93 -4.04
CA LYS A 345 4.33 -34.84 -2.93
C LYS A 345 5.23 -34.26 -1.85
N VAL A 346 6.26 -33.51 -2.25
CA VAL A 346 7.17 -32.88 -1.27
C VAL A 346 6.44 -31.88 -0.39
N ILE A 347 5.48 -31.17 -0.98
CA ILE A 347 4.73 -30.15 -0.26
C ILE A 347 3.78 -30.79 0.75
N TYR A 348 3.06 -31.81 0.32
CA TYR A 348 2.11 -32.52 1.17
C TYR A 348 2.77 -33.18 2.39
N GLU A 349 3.95 -33.76 2.17
CA GLU A 349 4.68 -34.41 3.25
C GLU A 349 5.20 -33.44 4.32
N LEU A 350 5.15 -32.15 4.01
CA LEU A 350 5.50 -31.13 4.99
C LEU A 350 4.29 -30.76 5.85
N GLU A 351 3.11 -31.21 5.41
CA GLU A 351 1.86 -30.84 6.05
C GLU A 351 1.27 -32.01 6.85
N THR B 4 -23.99 -0.75 22.48
CA THR B 4 -22.99 -1.44 21.68
C THR B 4 -23.21 -1.17 20.20
N VAL B 5 -22.28 -1.61 19.36
CA VAL B 5 -22.34 -1.28 17.94
C VAL B 5 -22.42 -2.53 17.06
N GLU B 6 -23.55 -2.70 16.40
CA GLU B 6 -23.82 -3.93 15.65
C GLU B 6 -22.90 -4.09 14.44
N PRO B 7 -22.42 -5.33 14.23
CA PRO B 7 -21.52 -5.65 13.13
C PRO B 7 -22.26 -5.82 11.82
N ASN B 8 -23.06 -4.81 11.47
CA ASN B 8 -23.77 -4.79 10.22
C ASN B 8 -24.13 -3.36 9.82
N LEU B 9 -24.70 -3.23 8.62
CA LEU B 9 -25.10 -1.93 8.06
C LEU B 9 -26.58 -1.58 8.24
N HIS B 10 -27.31 -2.37 9.02
CA HIS B 10 -28.74 -2.19 9.12
C HIS B 10 -29.15 -0.72 9.36
N SER B 11 -28.60 -0.11 10.41
CA SER B 11 -28.90 1.30 10.66
C SER B 11 -28.71 2.17 9.41
N LEU B 12 -27.61 1.98 8.70
CA LEU B 12 -27.40 2.65 7.40
C LEU B 12 -28.44 2.23 6.37
N ILE B 13 -28.59 0.92 6.16
CA ILE B 13 -29.48 0.39 5.14
C ILE B 13 -30.92 0.88 5.28
N THR B 14 -31.38 1.03 6.51
CA THR B 14 -32.72 1.54 6.79
C THR B 14 -32.77 3.04 7.06
N SER B 15 -31.64 3.73 6.90
CA SER B 15 -31.58 5.15 7.21
C SER B 15 -32.39 6.01 6.25
N THR B 16 -33.26 6.84 6.82
CA THR B 16 -34.06 7.77 6.03
C THR B 16 -33.43 9.15 5.83
N THR B 17 -32.40 9.46 6.62
CA THR B 17 -31.72 10.75 6.50
C THR B 17 -30.64 10.86 5.41
N HIS B 18 -30.01 9.74 5.07
CA HIS B 18 -28.78 9.80 4.25
C HIS B 18 -29.02 10.02 2.76
N LYS B 19 -28.52 11.13 2.24
CA LYS B 19 -28.56 11.36 0.80
C LYS B 19 -27.30 10.93 0.04
N TRP B 20 -26.19 10.72 0.75
CA TRP B 20 -24.93 10.35 0.10
C TRP B 20 -24.19 9.25 0.83
N ILE B 21 -24.02 8.11 0.16
CA ILE B 21 -23.22 7.02 0.70
C ILE B 21 -22.02 6.78 -0.21
N PHE B 22 -20.82 6.98 0.33
CA PHE B 22 -19.59 6.71 -0.40
C PHE B 22 -19.01 5.37 -0.01
N VAL B 23 -18.69 4.56 -1.01
CA VAL B 23 -18.07 3.27 -0.78
C VAL B 23 -16.73 3.21 -1.50
N GLY B 24 -15.68 2.87 -0.77
CA GLY B 24 -14.38 2.76 -1.40
C GLY B 24 -13.39 1.84 -0.70
N GLY B 25 -12.45 1.32 -1.48
CA GLY B 25 -11.29 0.64 -0.94
C GLY B 25 -10.35 0.24 -2.06
N LYS B 26 -9.07 0.09 -1.72
CA LYS B 26 -8.05 -0.21 -2.73
C LYS B 26 -7.70 -1.68 -2.72
N GLY B 27 -7.46 -2.22 -3.91
CA GLY B 27 -7.10 -3.62 -4.06
C GLY B 27 -8.19 -4.50 -4.63
N GLY B 28 -7.98 -5.81 -4.55
CA GLY B 28 -8.92 -6.80 -5.03
C GLY B 28 -9.90 -7.05 -3.91
N VAL B 29 -10.05 -6.04 -3.08
CA VAL B 29 -10.86 -6.08 -1.87
C VAL B 29 -12.36 -6.34 -2.07
N GLY B 30 -12.83 -6.28 -3.31
CA GLY B 30 -14.24 -6.55 -3.57
C GLY B 30 -15.12 -5.31 -3.44
N LYS B 31 -14.54 -4.15 -3.72
CA LYS B 31 -15.25 -2.88 -3.59
C LYS B 31 -16.57 -2.87 -4.37
N THR B 32 -16.51 -3.09 -5.68
CA THR B 32 -17.68 -2.95 -6.54
C THR B 32 -18.85 -3.83 -6.12
N THR B 33 -18.56 -5.04 -5.66
CA THR B 33 -19.62 -5.91 -5.19
C THR B 33 -20.27 -5.36 -3.93
N SER B 34 -19.46 -4.79 -3.04
CA SER B 34 -20.00 -4.18 -1.83
C SER B 34 -20.93 -3.03 -2.17
N SER B 35 -20.54 -2.22 -3.15
CA SER B 35 -21.35 -1.07 -3.55
C SER B 35 -22.71 -1.50 -4.09
N CYS B 36 -22.73 -2.58 -4.86
CA CYS B 36 -23.97 -3.10 -5.38
C CYS B 36 -24.85 -3.68 -4.28
N SER B 37 -24.23 -4.38 -3.33
CA SER B 37 -24.97 -4.94 -2.22
C SER B 37 -25.66 -3.85 -1.40
N ILE B 38 -24.87 -2.87 -0.96
CA ILE B 38 -25.38 -1.73 -0.21
C ILE B 38 -26.55 -1.06 -0.92
N ALA B 39 -26.41 -0.84 -2.22
CA ALA B 39 -27.46 -0.20 -3.02
C ALA B 39 -28.70 -1.08 -3.15
N ILE B 40 -28.50 -2.39 -3.30
CA ILE B 40 -29.62 -3.32 -3.40
C ILE B 40 -30.39 -3.40 -2.08
N GLN B 41 -29.66 -3.46 -0.97
CA GLN B 41 -30.27 -3.55 0.34
C GLN B 41 -31.13 -2.34 0.69
N MET B 42 -30.60 -1.15 0.44
CA MET B 42 -31.35 0.07 0.73
C MET B 42 -32.59 0.10 -0.13
N ALA B 43 -32.41 -0.16 -1.42
CA ALA B 43 -33.50 -0.14 -2.37
C ALA B 43 -34.64 -1.06 -1.92
N LEU B 44 -34.31 -2.29 -1.55
CA LEU B 44 -35.33 -3.24 -1.11
C LEU B 44 -35.99 -2.78 0.18
N SER B 45 -35.17 -2.34 1.13
CA SER B 45 -35.65 -1.95 2.45
C SER B 45 -36.43 -0.63 2.46
N GLN B 46 -36.35 0.13 1.37
CA GLN B 46 -37.02 1.42 1.30
C GLN B 46 -37.69 1.62 -0.06
N PRO B 47 -38.70 0.79 -0.35
CA PRO B 47 -39.40 0.79 -1.65
C PRO B 47 -39.96 2.16 -2.04
N ASN B 48 -40.16 3.04 -1.07
CA ASN B 48 -40.74 4.34 -1.31
C ASN B 48 -39.76 5.36 -1.89
N LYS B 49 -38.47 5.11 -1.68
CA LYS B 49 -37.42 6.01 -2.14
C LYS B 49 -36.75 5.47 -3.39
N GLN B 50 -36.31 6.37 -4.26
CA GLN B 50 -35.61 6.00 -5.48
C GLN B 50 -34.10 6.20 -5.33
N PHE B 51 -33.34 5.16 -5.63
CA PHE B 51 -31.89 5.17 -5.43
C PHE B 51 -31.12 5.18 -6.74
N LEU B 52 -29.92 5.75 -6.69
CA LEU B 52 -29.01 5.80 -7.82
C LEU B 52 -27.64 5.27 -7.40
N LEU B 53 -27.15 4.28 -8.12
CA LEU B 53 -25.78 3.77 -7.92
C LEU B 53 -24.92 4.18 -9.10
N ILE B 54 -23.86 4.95 -8.83
CA ILE B 54 -22.99 5.46 -9.90
C ILE B 54 -21.55 5.04 -9.64
N SER B 55 -20.83 4.70 -10.71
CA SER B 55 -19.44 4.26 -10.57
C SER B 55 -18.49 4.99 -11.52
N THR B 56 -17.45 5.61 -10.96
CA THR B 56 -16.42 6.26 -11.74
C THR B 56 -15.28 5.30 -12.06
N ASP B 57 -15.35 4.10 -11.49
CA ASP B 57 -14.35 3.06 -11.78
C ASP B 57 -14.32 2.86 -13.29
N PRO B 58 -13.12 2.96 -13.89
CA PRO B 58 -12.97 2.89 -15.34
C PRO B 58 -13.30 1.51 -15.88
N ALA B 59 -13.12 0.49 -15.05
CA ALA B 59 -13.29 -0.90 -15.46
C ALA B 59 -14.73 -1.24 -15.85
N HIS B 60 -15.65 -0.31 -15.62
CA HIS B 60 -17.06 -0.55 -15.92
C HIS B 60 -17.58 -1.77 -15.19
N ASN B 61 -17.38 -1.79 -13.87
CA ASN B 61 -17.74 -2.97 -13.08
C ASN B 61 -19.23 -3.17 -12.85
N LEU B 62 -20.01 -2.09 -12.89
CA LEU B 62 -21.45 -2.22 -12.66
C LEU B 62 -22.13 -3.10 -13.70
N SER B 63 -21.91 -2.77 -14.98
CA SER B 63 -22.51 -3.54 -16.06
C SER B 63 -22.11 -5.01 -15.94
N ASP B 64 -20.89 -5.24 -15.48
CA ASP B 64 -20.36 -6.59 -15.32
C ASP B 64 -21.01 -7.32 -14.14
N ALA B 65 -21.34 -6.59 -13.10
CA ALA B 65 -21.89 -7.19 -11.88
C ALA B 65 -23.37 -7.52 -12.02
N PHE B 66 -24.12 -6.62 -12.64
CA PHE B 66 -25.56 -6.83 -12.82
C PHE B 66 -25.89 -7.64 -14.09
N GLY B 67 -24.93 -7.73 -15.00
CA GLY B 67 -25.13 -8.47 -16.23
C GLY B 67 -25.96 -7.75 -17.27
N GLU B 68 -25.93 -6.42 -17.24
CA GLU B 68 -26.60 -5.62 -18.26
C GLU B 68 -25.83 -4.32 -18.46
N LYS B 69 -26.00 -3.67 -19.62
CA LYS B 69 -25.18 -2.53 -19.97
C LYS B 69 -25.66 -1.19 -19.38
N PHE B 70 -24.74 -0.50 -18.72
CA PHE B 70 -25.02 0.81 -18.14
C PHE B 70 -24.11 1.86 -18.74
N GLY B 71 -24.48 3.13 -18.56
CA GLY B 71 -23.72 4.22 -19.16
C GLY B 71 -24.04 5.57 -18.55
N LYS B 72 -23.66 6.63 -19.26
CA LYS B 72 -23.92 7.99 -18.82
C LYS B 72 -25.41 8.23 -18.56
N ASP B 73 -26.25 7.43 -19.19
CA ASP B 73 -27.70 7.56 -19.01
C ASP B 73 -28.22 6.59 -17.96
N ALA B 74 -28.83 7.14 -16.92
CA ALA B 74 -29.34 6.34 -15.80
C ALA B 74 -30.41 5.36 -16.27
N ARG B 75 -30.21 4.08 -15.94
CA ARG B 75 -31.14 3.03 -16.30
C ARG B 75 -31.62 2.31 -15.04
N LYS B 76 -32.89 1.92 -15.00
CA LYS B 76 -33.37 1.06 -13.93
C LYS B 76 -32.79 -0.33 -14.12
N VAL B 77 -32.20 -0.89 -13.07
CA VAL B 77 -31.66 -2.23 -13.19
C VAL B 77 -32.81 -3.21 -13.29
N THR B 78 -32.80 -4.03 -14.33
CA THR B 78 -33.89 -4.94 -14.59
C THR B 78 -34.15 -5.87 -13.40
N GLY B 79 -35.38 -5.85 -12.91
CA GLY B 79 -35.75 -6.64 -11.75
C GLY B 79 -35.99 -5.79 -10.51
N MET B 80 -35.57 -4.53 -10.60
CA MET B 80 -35.71 -3.58 -9.50
C MET B 80 -36.40 -2.34 -10.04
N ASN B 81 -37.47 -1.90 -9.38
CA ASN B 81 -38.09 -0.66 -9.82
C ASN B 81 -37.63 0.60 -9.09
N ASN B 82 -36.94 0.44 -7.96
CA ASN B 82 -36.39 1.60 -7.24
C ASN B 82 -34.88 1.89 -7.39
N LEU B 83 -34.16 1.04 -8.12
CA LEU B 83 -32.71 1.19 -8.24
C LEU B 83 -32.24 1.40 -9.68
N SER B 84 -31.42 2.42 -9.87
CA SER B 84 -30.87 2.72 -11.20
C SER B 84 -29.34 2.76 -11.16
N CYS B 85 -28.71 2.65 -12.31
CA CYS B 85 -27.24 2.68 -12.40
C CYS B 85 -26.67 3.66 -13.42
N MET B 86 -25.53 4.25 -13.08
CA MET B 86 -24.76 5.08 -14.00
C MET B 86 -23.28 4.69 -13.97
N GLU B 87 -22.72 4.50 -15.15
CA GLU B 87 -21.28 4.35 -15.29
C GLU B 87 -20.76 5.49 -16.16
N ILE B 88 -19.88 6.30 -15.59
CA ILE B 88 -19.33 7.45 -16.31
C ILE B 88 -17.82 7.54 -16.19
N ASP B 89 -17.19 8.14 -17.19
CA ASP B 89 -15.77 8.45 -17.13
C ASP B 89 -15.59 9.95 -16.93
N PRO B 90 -15.15 10.35 -15.72
CA PRO B 90 -15.01 11.76 -15.37
C PRO B 90 -13.86 12.43 -16.14
N SER B 91 -12.84 11.64 -16.48
CA SER B 91 -11.68 12.15 -17.21
C SER B 91 -12.07 12.48 -18.65
N ALA B 92 -12.97 11.67 -19.21
CA ALA B 92 -13.51 11.94 -20.53
C ALA B 92 -14.34 13.22 -20.46
N ALA B 93 -15.20 13.29 -19.45
CA ALA B 93 -16.05 14.45 -19.24
C ALA B 93 -15.22 15.73 -19.11
N LEU B 94 -14.03 15.63 -18.53
CA LEU B 94 -13.12 16.76 -18.46
C LEU B 94 -12.46 17.07 -19.81
N LYS B 95 -11.94 16.04 -20.46
CA LYS B 95 -11.22 16.19 -21.72
C LYS B 95 -12.08 16.85 -22.79
N ASP B 96 -13.37 16.49 -22.82
CA ASP B 96 -14.30 17.10 -23.76
C ASP B 96 -14.28 18.63 -23.64
N MET B 97 -14.70 19.12 -22.47
CA MET B 97 -14.77 20.55 -22.22
C MET B 97 -13.41 21.24 -22.41
N ASN B 98 -12.39 20.76 -21.70
CA ASN B 98 -11.05 21.37 -21.75
C ASN B 98 -10.50 21.41 -23.18
N LEU B 126 -2.36 24.73 -19.25
CA LEU B 126 -2.56 25.24 -17.90
C LEU B 126 -2.73 24.10 -16.90
N ALA B 127 -2.29 22.92 -17.31
CA ALA B 127 -2.28 21.75 -16.44
C ALA B 127 -1.36 22.02 -15.26
N ASP B 128 -0.29 22.76 -15.52
CA ASP B 128 0.63 23.17 -14.46
C ASP B 128 -0.10 23.99 -13.41
N LEU B 129 -0.84 25.00 -13.86
CA LEU B 129 -1.58 25.89 -12.97
C LEU B 129 -2.64 25.14 -12.17
N THR B 130 -3.30 24.17 -12.80
CA THR B 130 -4.31 23.40 -12.08
C THR B 130 -3.68 22.45 -11.05
N GLY B 131 -2.90 21.48 -11.54
CA GLY B 131 -2.25 20.51 -10.67
C GLY B 131 -1.42 21.12 -9.55
N SER B 132 -0.82 22.28 -9.82
CA SER B 132 0.05 22.92 -8.84
C SER B 132 -0.60 22.96 -7.46
N ILE B 133 -1.91 23.24 -7.43
CA ILE B 133 -2.68 23.25 -6.19
C ILE B 133 -3.48 21.96 -6.00
N PRO B 134 -3.32 21.30 -4.84
CA PRO B 134 -4.02 20.04 -4.57
C PRO B 134 -5.52 20.24 -4.40
N GLY B 135 -6.33 19.43 -5.09
CA GLY B 135 -7.76 19.46 -4.91
C GLY B 135 -8.54 20.12 -6.03
N ILE B 136 -7.84 20.82 -6.92
CA ILE B 136 -8.50 21.48 -8.03
C ILE B 136 -8.82 20.48 -9.14
N ASP B 137 -7.87 19.59 -9.41
CA ASP B 137 -8.06 18.59 -10.45
C ASP B 137 -9.24 17.69 -10.12
N GLU B 138 -9.33 17.27 -8.86
CA GLU B 138 -10.41 16.40 -8.41
C GLU B 138 -11.76 17.10 -8.42
N ALA B 139 -11.75 18.36 -8.03
CA ALA B 139 -12.98 19.16 -7.97
C ALA B 139 -13.62 19.26 -9.35
N LEU B 140 -12.81 19.51 -10.36
CA LEU B 140 -13.33 19.68 -11.72
C LEU B 140 -13.88 18.36 -12.24
N SER B 141 -13.23 17.27 -11.87
CA SER B 141 -13.68 15.94 -12.23
C SER B 141 -15.03 15.63 -11.60
N PHE B 142 -15.18 16.01 -10.33
CA PHE B 142 -16.39 15.74 -9.58
C PHE B 142 -17.58 16.60 -10.00
N MET B 143 -17.33 17.87 -10.29
CA MET B 143 -18.40 18.76 -10.73
C MET B 143 -19.07 18.25 -12.00
N GLU B 144 -18.34 17.42 -12.76
CA GLU B 144 -18.88 16.82 -13.97
C GLU B 144 -19.90 15.72 -13.65
N VAL B 145 -19.66 14.96 -12.59
CA VAL B 145 -20.58 13.88 -12.21
C VAL B 145 -21.85 14.44 -11.58
N MET B 146 -21.73 15.59 -10.91
CA MET B 146 -22.89 16.26 -10.34
C MET B 146 -23.80 16.80 -11.42
N LYS B 147 -23.21 17.29 -12.50
CA LYS B 147 -23.96 17.80 -13.64
C LYS B 147 -24.74 16.66 -14.31
N HIS B 148 -24.07 15.55 -14.53
CA HIS B 148 -24.71 14.36 -15.10
C HIS B 148 -25.91 13.92 -14.28
N ILE B 149 -25.76 13.92 -12.96
CA ILE B 149 -26.82 13.47 -12.08
C ILE B 149 -28.07 14.34 -12.18
N LYS B 150 -27.89 15.65 -12.04
CA LYS B 150 -29.03 16.57 -12.10
C LYS B 150 -29.63 16.60 -13.50
N ARG B 151 -28.86 16.15 -14.49
CA ARG B 151 -29.33 16.09 -15.86
C ARG B 151 -30.23 14.87 -16.06
N GLN B 152 -29.94 13.81 -15.30
CA GLN B 152 -30.76 12.60 -15.34
C GLN B 152 -32.05 12.81 -14.55
N GLU B 153 -31.99 13.68 -13.55
CA GLU B 153 -33.16 13.98 -12.73
C GLU B 153 -34.12 14.93 -13.45
N GLN B 154 -33.57 15.97 -14.06
CA GLN B 154 -34.38 16.94 -14.79
C GLN B 154 -35.10 16.32 -16.00
N GLY B 155 -34.32 15.79 -16.94
CA GLY B 155 -34.85 15.35 -18.21
C GLY B 155 -35.98 14.36 -18.08
N GLU B 156 -35.73 13.26 -17.39
CA GLU B 156 -36.74 12.24 -17.16
C GLU B 156 -37.83 12.78 -16.24
N GLY B 157 -37.42 13.48 -15.18
CA GLY B 157 -38.35 14.01 -14.21
C GLY B 157 -38.35 13.18 -12.94
N GLU B 158 -37.53 12.14 -12.92
CA GLU B 158 -37.42 11.29 -11.74
C GLU B 158 -36.20 11.66 -10.92
N THR B 159 -36.44 12.25 -9.75
CA THR B 159 -35.35 12.69 -8.88
C THR B 159 -34.97 11.58 -7.90
N PHE B 160 -33.67 11.40 -7.69
CA PHE B 160 -33.16 10.40 -6.76
C PHE B 160 -33.08 10.91 -5.33
N ASP B 161 -33.54 10.08 -4.40
CA ASP B 161 -33.52 10.43 -2.98
C ASP B 161 -32.17 10.21 -2.33
N THR B 162 -31.47 9.16 -2.75
CA THR B 162 -30.16 8.83 -2.19
C THR B 162 -29.21 8.24 -3.22
N VAL B 163 -27.96 8.70 -3.23
CA VAL B 163 -26.98 8.23 -4.21
C VAL B 163 -25.86 7.41 -3.54
N ILE B 164 -25.51 6.30 -4.19
CA ILE B 164 -24.41 5.47 -3.74
C ILE B 164 -23.26 5.60 -4.73
N PHE B 165 -22.13 6.11 -4.26
CA PHE B 165 -20.96 6.28 -5.13
C PHE B 165 -20.01 5.11 -4.97
N ASP B 166 -19.75 4.41 -6.06
CA ASP B 166 -18.65 3.46 -6.05
C ASP B 166 -17.44 4.26 -6.53
N THR B 167 -16.54 4.58 -5.61
CA THR B 167 -15.43 5.46 -5.91
C THR B 167 -14.32 4.69 -6.62
N ALA B 168 -13.49 5.39 -7.38
CA ALA B 168 -12.38 4.76 -8.07
C ALA B 168 -11.44 4.12 -7.06
N PRO B 169 -10.90 2.94 -7.39
CA PRO B 169 -10.04 2.20 -6.45
C PRO B 169 -8.71 2.91 -6.22
N THR B 170 -8.39 3.85 -7.09
CA THR B 170 -7.11 4.56 -7.00
C THR B 170 -7.35 6.05 -6.84
N GLY B 171 -6.28 6.81 -6.61
CA GLY B 171 -6.41 8.25 -6.45
C GLY B 171 -7.11 8.64 -5.16
N HIS B 172 -7.14 9.94 -4.87
CA HIS B 172 -7.89 10.45 -3.72
C HIS B 172 -9.04 11.33 -4.22
N THR B 173 -10.24 10.82 -4.08
CA THR B 173 -11.41 11.41 -4.70
C THR B 173 -11.97 12.59 -3.91
N LEU B 174 -11.78 12.56 -2.60
CA LEU B 174 -12.42 13.55 -1.73
C LEU B 174 -11.51 14.73 -1.37
N ARG B 175 -10.33 14.79 -1.98
CA ARG B 175 -9.36 15.86 -1.73
C ARG B 175 -10.00 17.24 -1.80
N PHE B 176 -10.98 17.38 -2.66
CA PHE B 176 -11.63 18.68 -2.86
C PHE B 176 -12.38 19.18 -1.61
N LEU B 177 -12.45 18.34 -0.59
CA LEU B 177 -13.14 18.71 0.64
C LEU B 177 -12.32 19.66 1.53
N GLN B 178 -11.00 19.64 1.38
CA GLN B 178 -10.15 20.56 2.14
C GLN B 178 -9.84 21.81 1.32
N LEU B 179 -10.41 21.87 0.12
CA LEU B 179 -10.15 22.96 -0.82
C LEU B 179 -10.46 24.34 -0.24
N PRO B 180 -11.70 24.57 0.19
CA PRO B 180 -12.08 25.91 0.65
C PRO B 180 -11.10 26.46 1.67
N ASN B 181 -10.67 25.64 2.63
CA ASN B 181 -9.73 26.08 3.63
C ASN B 181 -8.42 26.55 2.99
N THR B 182 -7.84 25.71 2.14
CA THR B 182 -6.61 26.08 1.46
C THR B 182 -6.88 27.01 0.29
N LEU B 183 -8.14 27.10 -0.14
CA LEU B 183 -8.48 28.01 -1.23
C LEU B 183 -8.67 29.44 -0.74
N SER B 184 -9.33 29.60 0.41
CA SER B 184 -9.57 30.93 0.97
C SER B 184 -8.30 31.50 1.60
N LYS B 185 -7.35 30.61 1.90
CA LYS B 185 -6.06 31.04 2.46
C LYS B 185 -5.14 31.56 1.37
N LEU B 186 -5.28 31.01 0.16
CA LEU B 186 -4.50 31.48 -0.98
C LEU B 186 -5.17 32.67 -1.68
N LEU B 187 -6.43 32.94 -1.31
CA LEU B 187 -7.12 34.11 -1.85
C LEU B 187 -6.74 35.39 -1.10
N GLU B 188 -6.65 35.29 0.22
CA GLU B 188 -6.34 36.44 1.06
C GLU B 188 -5.01 37.10 0.71
N LYS B 189 -3.98 36.29 0.50
CA LYS B 189 -2.67 36.80 0.15
C LYS B 189 -2.59 37.34 -1.29
N PHE B 190 -2.96 36.51 -2.27
CA PHE B 190 -2.96 36.93 -3.66
C PHE B 190 -3.80 38.18 -3.86
N ASP B 211 -10.90 37.42 -15.56
CA ASP B 211 -11.52 36.23 -16.13
C ASP B 211 -11.18 34.99 -15.30
N ILE B 212 -9.97 34.99 -14.72
CA ILE B 212 -9.50 33.89 -13.90
C ILE B 212 -10.07 33.92 -12.48
N SER B 213 -10.04 35.08 -11.85
CA SER B 213 -10.46 35.23 -10.45
C SER B 213 -11.87 34.68 -10.20
N GLY B 214 -12.80 35.01 -11.09
CA GLY B 214 -14.19 34.66 -10.90
C GLY B 214 -14.46 33.17 -10.79
N LYS B 215 -14.02 32.41 -11.79
CA LYS B 215 -14.29 30.98 -11.84
C LYS B 215 -13.76 30.27 -10.58
N LEU B 216 -12.63 30.75 -10.09
CA LEU B 216 -12.02 30.18 -8.89
C LEU B 216 -12.93 30.33 -7.67
N ASN B 217 -13.29 31.58 -7.37
CA ASN B 217 -14.19 31.85 -6.24
C ASN B 217 -15.52 31.12 -6.39
N GLU B 218 -15.98 31.00 -7.63
CA GLU B 218 -17.18 30.22 -7.94
C GLU B 218 -17.00 28.77 -7.50
N LEU B 219 -15.85 28.19 -7.83
CA LEU B 219 -15.54 26.83 -7.40
C LEU B 219 -15.55 26.75 -5.87
N LYS B 220 -14.84 27.67 -5.21
CA LYS B 220 -14.84 27.72 -3.75
C LYS B 220 -16.26 27.67 -3.21
N ALA B 221 -17.16 28.43 -3.84
CA ALA B 221 -18.55 28.50 -3.42
C ALA B 221 -19.28 27.16 -3.59
N ASN B 222 -19.25 26.62 -4.80
CA ASN B 222 -19.87 25.32 -5.06
C ASN B 222 -19.38 24.26 -4.08
N VAL B 223 -18.07 24.18 -3.93
CA VAL B 223 -17.43 23.19 -3.07
C VAL B 223 -17.82 23.37 -1.60
N GLU B 224 -17.95 24.61 -1.15
CA GLU B 224 -18.39 24.84 0.22
C GLU B 224 -19.84 24.38 0.39
N THR B 225 -20.68 24.67 -0.61
CA THR B 225 -22.07 24.23 -0.59
C THR B 225 -22.17 22.71 -0.50
N ILE B 226 -21.33 22.01 -1.25
CA ILE B 226 -21.25 20.56 -1.15
C ILE B 226 -20.78 20.12 0.24
N ARG B 227 -19.66 20.68 0.68
CA ARG B 227 -19.11 20.35 1.99
C ARG B 227 -20.19 20.41 3.06
N GLN B 228 -21.09 21.38 2.94
CA GLN B 228 -22.12 21.53 3.97
C GLN B 228 -22.99 20.28 4.05
N GLN B 229 -23.07 19.56 2.92
CA GLN B 229 -23.74 18.28 2.84
C GLN B 229 -22.83 17.16 3.33
N PHE B 230 -21.71 16.98 2.66
CA PHE B 230 -20.81 15.86 2.93
C PHE B 230 -20.23 15.80 4.35
N THR B 231 -20.34 16.89 5.09
CA THR B 231 -19.87 16.91 6.49
C THR B 231 -20.98 16.70 7.52
N ASP B 232 -22.20 16.47 7.05
CA ASP B 232 -23.33 16.16 7.92
C ASP B 232 -23.51 14.65 8.00
N PRO B 233 -23.15 14.06 9.16
CA PRO B 233 -23.18 12.60 9.37
C PRO B 233 -24.53 11.97 9.05
N ASP B 234 -25.60 12.74 9.18
CA ASP B 234 -26.94 12.22 8.89
C ASP B 234 -27.24 12.22 7.40
N LEU B 235 -26.63 13.16 6.67
CA LEU B 235 -26.77 13.22 5.22
C LEU B 235 -25.80 12.32 4.47
N THR B 236 -24.59 12.20 4.99
CA THR B 236 -23.48 11.60 4.25
C THR B 236 -22.59 10.75 5.13
N THR B 237 -22.10 9.66 4.57
CA THR B 237 -21.19 8.79 5.28
C THR B 237 -20.34 8.02 4.28
N PHE B 238 -19.21 7.51 4.75
CA PHE B 238 -18.31 6.73 3.91
C PHE B 238 -18.24 5.32 4.45
N VAL B 239 -18.25 4.35 3.54
CA VAL B 239 -18.14 2.95 3.92
C VAL B 239 -16.88 2.35 3.31
N CYS B 240 -15.97 1.94 4.18
CA CYS B 240 -14.69 1.39 3.76
C CYS B 240 -14.78 -0.09 3.47
N VAL B 241 -14.09 -0.53 2.43
CA VAL B 241 -14.05 -1.94 2.08
C VAL B 241 -12.62 -2.46 2.17
N CYS B 242 -12.42 -3.51 2.96
CA CYS B 242 -11.11 -4.12 3.07
C CYS B 242 -11.24 -5.65 3.15
N ILE B 243 -10.11 -6.33 3.22
CA ILE B 243 -10.07 -7.75 3.51
C ILE B 243 -9.10 -7.91 4.66
N SER B 244 -9.12 -9.04 5.33
CA SER B 244 -8.28 -9.12 6.51
C SER B 244 -6.92 -9.61 6.06
N GLU B 245 -6.01 -8.65 5.92
CA GLU B 245 -4.62 -8.86 5.59
C GLU B 245 -3.93 -7.57 5.97
N PHE B 246 -2.63 -7.60 6.21
CA PHE B 246 -1.97 -6.41 6.70
C PHE B 246 -2.13 -5.20 5.77
N LEU B 247 -1.68 -5.33 4.53
CA LEU B 247 -1.68 -4.20 3.61
C LEU B 247 -3.06 -3.56 3.45
N SER B 248 -4.08 -4.39 3.24
CA SER B 248 -5.44 -3.87 3.11
C SER B 248 -5.83 -3.09 4.36
N LEU B 249 -5.50 -3.62 5.53
CA LEU B 249 -5.85 -2.98 6.79
C LEU B 249 -5.09 -1.66 7.03
N TYR B 250 -3.85 -1.62 6.58
CA TYR B 250 -3.06 -0.40 6.68
C TYR B 250 -3.65 0.66 5.76
N GLU B 251 -3.84 0.27 4.50
CA GLU B 251 -4.41 1.15 3.51
C GLU B 251 -5.78 1.65 3.96
N THR B 252 -6.51 0.78 4.66
CA THR B 252 -7.83 1.12 5.16
C THR B 252 -7.77 2.14 6.30
N GLU B 253 -6.81 1.99 7.21
CA GLU B 253 -6.57 2.98 8.28
C GLU B 253 -6.26 4.35 7.71
N ARG B 254 -5.31 4.42 6.78
CA ARG B 254 -4.94 5.71 6.22
C ARG B 254 -6.15 6.36 5.53
N LEU B 255 -6.95 5.55 4.85
CA LEU B 255 -8.17 6.05 4.21
C LEU B 255 -9.06 6.72 5.25
N ILE B 256 -9.30 6.00 6.34
CA ILE B 256 -10.12 6.52 7.43
C ILE B 256 -9.60 7.87 7.93
N GLN B 257 -8.29 7.93 8.21
CA GLN B 257 -7.67 9.18 8.66
C GLN B 257 -7.89 10.32 7.67
N GLU B 258 -7.54 10.09 6.40
CA GLU B 258 -7.79 11.08 5.35
C GLU B 258 -9.24 11.55 5.39
N LEU B 259 -10.16 10.61 5.54
CA LEU B 259 -11.57 10.95 5.57
C LEU B 259 -11.91 11.84 6.76
N ILE B 260 -11.37 11.49 7.94
CA ILE B 260 -11.60 12.28 9.13
C ILE B 260 -11.10 13.70 8.95
N SER B 261 -10.03 13.86 8.19
CA SER B 261 -9.42 15.16 7.96
C SER B 261 -10.31 16.06 7.10
N TYR B 262 -11.23 15.45 6.35
CA TYR B 262 -12.19 16.19 5.54
C TYR B 262 -13.48 16.43 6.31
N ASP B 263 -13.51 15.96 7.56
CA ASP B 263 -14.71 16.02 8.39
C ASP B 263 -15.82 15.16 7.80
N MET B 264 -15.40 14.15 7.03
CA MET B 264 -16.30 13.14 6.48
C MET B 264 -16.58 12.07 7.52
N ASP B 265 -17.85 11.73 7.67
CA ASP B 265 -18.23 10.72 8.66
C ASP B 265 -17.94 9.33 8.11
N VAL B 266 -17.10 8.58 8.80
CA VAL B 266 -16.96 7.17 8.50
C VAL B 266 -17.07 6.36 9.78
N ASN B 267 -18.19 5.65 9.95
CA ASN B 267 -18.34 4.65 11.00
C ASN B 267 -18.30 3.18 10.53
N SER B 268 -18.19 2.93 9.23
CA SER B 268 -18.46 1.60 8.70
C SER B 268 -17.35 0.92 7.88
N ILE B 269 -16.99 -0.29 8.27
CA ILE B 269 -16.01 -1.08 7.53
C ILE B 269 -16.52 -2.46 7.16
N ILE B 270 -16.52 -2.76 5.86
CA ILE B 270 -16.88 -4.09 5.36
C ILE B 270 -15.64 -4.94 5.10
N VAL B 271 -15.53 -6.07 5.81
CA VAL B 271 -14.40 -6.97 5.62
C VAL B 271 -14.84 -8.17 4.78
N ASN B 272 -14.35 -8.23 3.54
CA ASN B 272 -14.75 -9.28 2.61
C ASN B 272 -13.82 -10.48 2.54
N GLN B 273 -14.26 -11.48 1.78
CA GLN B 273 -13.47 -12.68 1.52
C GLN B 273 -13.05 -13.52 2.74
N LEU B 274 -13.85 -13.49 3.80
CA LEU B 274 -13.57 -14.30 4.98
C LEU B 274 -14.02 -15.75 4.79
N LEU B 275 -13.17 -16.69 5.20
CA LEU B 275 -13.44 -18.11 4.98
C LEU B 275 -14.36 -18.79 5.99
N PHE B 276 -14.19 -18.47 7.28
CA PHE B 276 -14.87 -19.20 8.36
C PHE B 276 -14.65 -20.71 8.18
N ALA B 277 -13.40 -21.11 7.98
CA ALA B 277 -13.10 -22.48 7.57
C ALA B 277 -13.50 -23.55 8.58
N GLU B 278 -13.49 -23.22 9.86
CA GLU B 278 -13.76 -24.21 10.90
C GLU B 278 -15.16 -24.80 10.82
N ASN B 279 -16.01 -24.19 10.01
CA ASN B 279 -17.38 -24.68 9.84
C ASN B 279 -17.54 -25.51 8.57
N CYS B 285 -10.45 -28.53 4.18
CA CYS B 285 -9.29 -28.06 3.39
C CYS B 285 -8.22 -27.45 4.29
N LYS B 286 -7.08 -28.12 4.40
CA LYS B 286 -6.02 -27.66 5.30
C LYS B 286 -5.51 -26.27 4.94
N ARG B 287 -5.47 -25.97 3.65
CA ARG B 287 -5.02 -24.66 3.18
C ARG B 287 -5.96 -23.55 3.64
N CYS B 288 -7.24 -23.67 3.29
CA CYS B 288 -8.25 -22.72 3.73
C CYS B 288 -8.20 -22.54 5.25
N GLN B 289 -8.17 -23.65 5.98
CA GLN B 289 -8.13 -23.62 7.45
C GLN B 289 -7.05 -22.68 7.97
N ALA B 290 -5.87 -22.75 7.37
CA ALA B 290 -4.73 -21.96 7.81
C ALA B 290 -4.95 -20.49 7.48
N ARG B 291 -5.31 -20.22 6.23
CA ARG B 291 -5.60 -18.87 5.77
C ARG B 291 -6.60 -18.20 6.71
N TRP B 292 -7.65 -18.94 7.08
CA TRP B 292 -8.65 -18.43 8.00
C TRP B 292 -8.03 -18.11 9.35
N LYS B 293 -7.02 -18.86 9.75
CA LYS B 293 -6.40 -18.64 11.04
C LYS B 293 -5.77 -17.25 11.07
N MET B 294 -5.20 -16.84 9.93
CA MET B 294 -4.64 -15.51 9.80
C MET B 294 -5.73 -14.46 9.76
N GLN B 295 -6.71 -14.64 8.87
CA GLN B 295 -7.80 -13.67 8.74
C GLN B 295 -8.38 -13.32 10.11
N LYS B 296 -8.50 -14.32 10.97
CA LYS B 296 -9.08 -14.10 12.30
C LYS B 296 -8.07 -13.43 13.23
N LYS B 297 -6.78 -13.65 12.97
CA LYS B 297 -5.75 -12.99 13.74
C LYS B 297 -5.94 -11.48 13.67
N TYR B 298 -6.05 -10.97 12.44
CA TYR B 298 -6.26 -9.55 12.23
C TYR B 298 -7.67 -9.13 12.59
N LEU B 299 -8.63 -10.00 12.36
CA LEU B 299 -10.01 -9.71 12.72
C LEU B 299 -10.12 -9.31 14.18
N ASP B 300 -9.44 -10.05 15.05
CA ASP B 300 -9.53 -9.79 16.48
C ASP B 300 -9.01 -8.40 16.81
N GLN B 301 -7.96 -8.00 16.08
CA GLN B 301 -7.37 -6.69 16.31
C GLN B 301 -8.13 -5.53 15.64
N ILE B 302 -8.74 -5.77 14.49
CA ILE B 302 -9.65 -4.80 13.91
C ILE B 302 -10.74 -4.41 14.91
N ASP B 303 -11.29 -5.41 15.60
CA ASP B 303 -12.37 -5.18 16.55
C ASP B 303 -11.93 -4.30 17.71
N GLU B 304 -10.65 -4.41 18.08
CA GLU B 304 -10.08 -3.60 19.16
C GLU B 304 -9.74 -2.19 18.66
N LEU B 305 -9.36 -2.10 17.39
CA LEU B 305 -8.92 -0.84 16.80
C LEU B 305 -10.09 0.12 16.57
N TYR B 306 -11.16 -0.35 15.93
CA TYR B 306 -12.35 0.47 15.83
C TYR B 306 -13.47 -0.18 16.60
N GLU B 307 -13.74 0.31 17.81
CA GLU B 307 -14.77 -0.26 18.67
C GLU B 307 -16.12 0.32 18.32
N ASP B 308 -16.13 1.63 18.05
CA ASP B 308 -17.34 2.38 17.80
C ASP B 308 -17.73 2.33 16.33
N PHE B 309 -16.94 1.60 15.54
CA PHE B 309 -17.27 1.34 14.14
C PHE B 309 -18.25 0.17 14.00
N HIS B 310 -19.01 0.17 12.91
CA HIS B 310 -19.70 -1.04 12.50
C HIS B 310 -18.71 -1.74 11.59
N VAL B 311 -18.14 -2.83 12.08
CA VAL B 311 -17.24 -3.60 11.25
C VAL B 311 -17.95 -4.89 10.93
N VAL B 312 -18.39 -5.00 9.68
CA VAL B 312 -19.21 -6.13 9.25
C VAL B 312 -18.39 -7.18 8.49
N LYS B 313 -18.51 -8.42 8.94
CA LYS B 313 -17.70 -9.50 8.41
C LYS B 313 -18.47 -10.32 7.37
N MET B 314 -17.99 -10.24 6.14
CA MET B 314 -18.58 -10.88 4.98
C MET B 314 -17.84 -12.14 4.50
N PRO B 315 -18.59 -13.21 4.22
CA PRO B 315 -18.06 -14.52 3.84
C PRO B 315 -17.51 -14.50 2.42
N LEU B 316 -16.39 -15.18 2.18
CA LEU B 316 -15.88 -15.38 0.84
C LEU B 316 -16.82 -16.27 0.03
N CYS B 317 -17.05 -15.90 -1.22
CA CYS B 317 -17.81 -16.74 -2.13
C CYS B 317 -16.93 -17.15 -3.31
N ALA B 318 -16.84 -18.46 -3.54
CA ALA B 318 -16.05 -18.98 -4.66
C ALA B 318 -16.61 -18.48 -5.98
N GLY B 319 -15.72 -18.09 -6.88
CA GLY B 319 -16.13 -17.51 -8.15
C GLY B 319 -16.65 -16.11 -7.90
N GLU B 320 -17.09 -15.45 -8.97
CA GLU B 320 -17.54 -14.07 -8.85
C GLU B 320 -19.06 -13.97 -8.80
N ILE B 321 -19.55 -13.14 -7.88
CA ILE B 321 -20.98 -12.92 -7.72
C ILE B 321 -21.51 -11.96 -8.77
N ARG B 322 -22.50 -12.39 -9.54
CA ARG B 322 -23.06 -11.60 -10.62
C ARG B 322 -24.55 -11.84 -10.80
N GLY B 323 -25.24 -10.83 -11.32
CA GLY B 323 -26.67 -10.89 -11.52
C GLY B 323 -27.43 -10.47 -10.27
N LEU B 324 -28.60 -9.89 -10.47
CA LEU B 324 -29.43 -9.42 -9.35
C LEU B 324 -29.66 -10.50 -8.30
N ASN B 325 -30.07 -11.69 -8.74
CA ASN B 325 -30.42 -12.76 -7.83
C ASN B 325 -29.30 -13.09 -6.84
N ASN B 326 -28.13 -13.42 -7.37
CA ASN B 326 -27.02 -13.80 -6.52
C ASN B 326 -26.61 -12.64 -5.62
N LEU B 327 -26.56 -11.45 -6.21
CA LEU B 327 -26.25 -10.24 -5.44
C LEU B 327 -27.24 -10.02 -4.29
N THR B 328 -28.54 -10.10 -4.56
CA THR B 328 -29.52 -9.90 -3.49
C THR B 328 -29.30 -10.90 -2.38
N LYS B 329 -29.06 -12.15 -2.75
CA LYS B 329 -28.95 -13.22 -1.76
C LYS B 329 -27.70 -13.00 -0.90
N PHE B 330 -26.67 -12.47 -1.52
CA PHE B 330 -25.40 -12.20 -0.84
C PHE B 330 -25.48 -10.92 0.00
N SER B 331 -26.17 -9.92 -0.54
CA SER B 331 -26.24 -8.60 0.08
C SER B 331 -26.98 -8.57 1.42
N GLN B 332 -27.66 -9.66 1.75
CA GLN B 332 -28.44 -9.67 2.98
C GLN B 332 -27.54 -9.75 4.19
N PHE B 333 -26.32 -10.23 3.97
CA PHE B 333 -25.37 -10.40 5.05
C PHE B 333 -24.74 -9.08 5.48
N LEU B 334 -25.09 -8.02 4.75
CA LEU B 334 -24.80 -6.66 5.21
C LEU B 334 -25.83 -6.20 6.22
N ASN B 335 -27.08 -6.59 6.01
CA ASN B 335 -28.15 -6.22 6.93
C ASN B 335 -28.15 -7.08 8.19
N LYS B 336 -28.11 -8.40 8.01
CA LYS B 336 -28.06 -9.31 9.15
C LYS B 336 -26.76 -10.09 9.03
N GLU B 337 -25.94 -10.06 10.07
CA GLU B 337 -24.60 -10.60 9.99
C GLU B 337 -24.62 -12.05 9.59
N TYR B 338 -23.82 -12.39 8.59
CA TYR B 338 -23.65 -13.77 8.16
C TYR B 338 -23.22 -14.63 9.33
N ASN B 339 -23.85 -15.79 9.48
CA ASN B 339 -23.43 -16.77 10.47
C ASN B 339 -22.98 -18.05 9.78
N PRO B 340 -21.69 -18.37 9.89
CA PRO B 340 -21.12 -19.51 9.14
C PRO B 340 -21.84 -20.81 9.46
N ILE B 341 -22.39 -20.90 10.67
CA ILE B 341 -23.14 -22.08 11.09
C ILE B 341 -24.46 -22.26 10.34
N THR B 342 -25.34 -21.27 10.44
CA THR B 342 -26.66 -21.33 9.82
C THR B 342 -26.69 -20.93 8.34
N ASP B 343 -25.89 -19.93 7.97
CA ASP B 343 -25.98 -19.33 6.64
C ASP B 343 -25.13 -20.04 5.57
N GLY B 344 -24.28 -20.97 6.01
CA GLY B 344 -23.39 -21.66 5.08
C GLY B 344 -24.09 -22.20 3.85
N LYS B 345 -25.26 -22.80 4.01
CA LYS B 345 -26.00 -23.32 2.86
C LYS B 345 -26.24 -22.25 1.79
N VAL B 346 -26.52 -21.02 2.21
CA VAL B 346 -26.78 -19.94 1.25
C VAL B 346 -25.56 -19.66 0.40
N ILE B 347 -24.39 -19.77 1.02
CA ILE B 347 -23.14 -19.49 0.32
C ILE B 347 -22.81 -20.56 -0.70
N TYR B 348 -22.97 -21.82 -0.29
CA TYR B 348 -22.70 -22.96 -1.17
C TYR B 348 -23.62 -23.00 -2.39
N GLU B 349 -24.90 -22.69 -2.21
CA GLU B 349 -25.85 -22.65 -3.32
C GLU B 349 -25.56 -21.55 -4.35
N LEU B 350 -24.68 -20.61 -4.00
CA LEU B 350 -24.25 -19.59 -4.96
C LEU B 350 -23.15 -20.16 -5.84
N GLU B 351 -22.79 -21.41 -5.57
CA GLU B 351 -21.76 -22.12 -6.32
C GLU B 351 -22.26 -23.47 -6.82
N ASN C 16 12.37 31.26 -25.24
CA ASN C 16 12.62 30.44 -24.07
C ASN C 16 12.69 28.97 -24.42
N GLU C 17 13.78 28.57 -25.07
CA GLU C 17 13.94 27.17 -25.45
C GLU C 17 13.66 26.29 -24.23
N LEU C 18 14.05 26.77 -23.06
CA LEU C 18 13.85 26.04 -21.81
C LEU C 18 12.39 26.03 -21.37
N SER C 19 11.79 27.21 -21.28
CA SER C 19 10.44 27.37 -20.74
C SER C 19 9.38 26.65 -21.59
N LYS C 20 9.54 26.71 -22.91
CA LYS C 20 8.56 26.10 -23.81
C LYS C 20 8.52 24.59 -23.60
N LYS C 21 9.60 24.05 -23.03
CA LYS C 21 9.65 22.64 -22.66
C LYS C 21 8.86 22.38 -21.37
N TYR C 22 9.07 23.22 -20.37
CA TYR C 22 8.38 23.07 -19.08
C TYR C 22 6.88 22.93 -19.27
N LEU C 23 6.31 23.75 -20.15
CA LEU C 23 4.89 23.64 -20.46
C LEU C 23 4.57 22.41 -21.30
N ALA C 24 5.50 22.01 -22.16
CA ALA C 24 5.28 20.88 -23.05
C ALA C 24 5.21 19.56 -22.30
N LYS C 25 6.14 19.38 -21.37
CA LYS C 25 6.21 18.15 -20.58
C LYS C 25 5.19 18.13 -19.44
N VAL C 26 4.80 19.31 -18.97
CA VAL C 26 3.73 19.41 -17.98
C VAL C 26 2.41 19.00 -18.63
N LYS C 27 2.28 19.29 -19.91
CA LYS C 27 1.10 18.90 -20.66
C LYS C 27 1.09 17.38 -20.85
N GLU C 28 2.22 16.84 -21.28
CA GLU C 28 2.37 15.39 -21.48
C GLU C 28 2.06 14.64 -20.19
N ARG C 29 2.69 15.07 -19.09
CA ARG C 29 2.48 14.46 -17.79
C ARG C 29 0.99 14.46 -17.47
N HIS C 30 0.33 15.59 -17.72
CA HIS C 30 -1.10 15.69 -17.50
C HIS C 30 -1.87 14.67 -18.33
N GLU C 31 -1.58 14.62 -19.62
CA GLU C 31 -2.30 13.73 -20.52
C GLU C 31 -2.14 12.26 -20.12
N LEU C 32 -0.94 11.90 -19.66
CA LEU C 32 -0.67 10.54 -19.24
C LEU C 32 -1.54 10.17 -18.05
N LYS C 33 -1.54 11.03 -17.03
CA LYS C 33 -2.36 10.82 -15.85
C LYS C 33 -3.83 10.63 -16.21
N GLU C 34 -4.37 11.53 -17.02
CA GLU C 34 -5.77 11.44 -17.41
C GLU C 34 -6.06 10.08 -18.03
N PHE C 35 -5.09 9.55 -18.75
CA PHE C 35 -5.23 8.26 -19.42
C PHE C 35 -5.14 7.10 -18.43
N ASN C 36 -4.11 7.13 -17.60
CA ASN C 36 -3.90 6.06 -16.62
C ASN C 36 -5.08 5.90 -15.68
N ASN C 37 -5.82 6.99 -15.48
CA ASN C 37 -6.99 6.97 -14.62
C ASN C 37 -8.23 6.55 -15.39
N SER C 38 -8.04 6.27 -16.68
CA SER C 38 -9.11 5.70 -17.50
C SER C 38 -8.96 4.19 -17.63
N ILE C 39 -7.92 3.63 -17.02
CA ILE C 39 -7.68 2.19 -17.08
C ILE C 39 -7.65 1.56 -15.69
N SER C 40 -8.03 0.29 -15.63
CA SER C 40 -8.05 -0.42 -14.36
C SER C 40 -6.67 -0.94 -14.01
N ALA C 41 -6.15 -0.50 -12.88
CA ALA C 41 -4.86 -0.99 -12.41
C ALA C 41 -4.98 -2.46 -12.05
N GLN C 42 -6.20 -2.91 -11.74
CA GLN C 42 -6.46 -4.30 -11.38
C GLN C 42 -6.30 -5.20 -12.60
N ASP C 43 -7.01 -4.90 -13.68
CA ASP C 43 -6.97 -5.71 -14.89
C ASP C 43 -5.71 -5.45 -15.73
N ASN C 44 -5.37 -4.17 -15.86
CA ASN C 44 -4.27 -3.70 -16.72
C ASN C 44 -2.90 -3.56 -16.05
N TYR C 45 -2.76 -4.10 -14.84
CA TYR C 45 -1.65 -3.77 -13.94
C TYR C 45 -0.28 -3.66 -14.62
N ALA C 46 -0.01 -4.51 -15.60
CA ALA C 46 1.23 -4.41 -16.35
C ALA C 46 1.39 -3.04 -17.03
N LYS C 47 0.40 -2.65 -17.83
CA LYS C 47 0.44 -1.38 -18.54
C LYS C 47 0.38 -0.22 -17.55
N TRP C 48 -0.58 -0.29 -16.64
CA TRP C 48 -0.79 0.73 -15.62
C TRP C 48 0.52 1.09 -14.92
N THR C 49 1.26 0.08 -14.48
CA THR C 49 2.49 0.28 -13.75
C THR C 49 3.55 0.92 -14.63
N LYS C 50 3.61 0.48 -15.88
CA LYS C 50 4.55 1.08 -16.83
C LYS C 50 4.31 2.58 -16.90
N ASN C 51 3.06 2.94 -17.11
CA ASN C 51 2.67 4.35 -17.12
C ASN C 51 3.08 5.10 -15.85
N ASN C 52 2.91 4.47 -14.70
CA ASN C 52 3.35 5.07 -13.44
C ASN C 52 4.83 5.37 -13.47
N ARG C 53 5.60 4.47 -14.06
CA ARG C 53 7.04 4.66 -14.18
C ARG C 53 7.34 5.90 -15.01
N LYS C 54 6.62 6.04 -16.12
CA LYS C 54 6.81 7.17 -17.03
C LYS C 54 6.44 8.48 -16.34
N LEU C 55 5.31 8.47 -15.64
CA LEU C 55 4.90 9.66 -14.89
C LEU C 55 5.99 10.15 -13.95
N ASP C 56 6.58 9.23 -13.18
CA ASP C 56 7.67 9.62 -12.29
C ASP C 56 8.85 10.18 -13.09
N SER C 57 9.12 9.57 -14.23
CA SER C 57 10.19 10.04 -15.11
C SER C 57 9.95 11.49 -15.51
N LEU C 58 8.72 11.79 -15.90
CA LEU C 58 8.36 13.15 -16.31
C LEU C 58 8.42 14.13 -15.13
N ASP C 59 7.83 13.75 -14.01
CA ASP C 59 7.88 14.61 -12.82
C ASP C 59 9.32 14.99 -12.49
N LYS C 60 10.24 14.08 -12.81
CA LYS C 60 11.66 14.30 -12.56
C LYS C 60 12.23 15.30 -13.56
N GLU C 61 11.81 15.17 -14.81
CA GLU C 61 12.21 16.12 -15.83
C GLU C 61 11.56 17.48 -15.58
N ILE C 62 10.33 17.46 -15.07
CA ILE C 62 9.65 18.70 -14.72
C ILE C 62 10.40 19.46 -13.63
N ASN C 63 10.68 18.80 -12.50
CA ASN C 63 11.37 19.46 -11.39
C ASN C 63 12.78 19.93 -11.74
N ASN C 64 13.41 19.23 -12.68
CA ASN C 64 14.73 19.64 -13.16
C ASN C 64 14.64 20.92 -13.99
N LEU C 65 13.66 21.00 -14.88
CA LEU C 65 13.40 22.21 -15.63
C LEU C 65 13.05 23.37 -14.70
N LYS C 66 12.17 23.09 -13.74
CA LYS C 66 11.79 24.10 -12.76
C LYS C 66 13.04 24.69 -12.12
N ASP C 67 14.05 23.84 -11.90
CA ASP C 67 15.29 24.27 -11.27
C ASP C 67 16.25 25.00 -12.21
N GLU C 68 16.21 24.66 -13.50
CA GLU C 68 17.03 25.36 -14.49
C GLU C 68 16.59 26.81 -14.59
N ILE C 69 15.28 27.02 -14.63
CA ILE C 69 14.69 28.35 -14.63
C ILE C 69 15.15 29.16 -13.41
N GLN C 70 14.91 28.62 -12.22
CA GLN C 70 15.37 29.25 -10.99
C GLN C 70 16.86 29.55 -11.06
N SER C 71 17.61 28.64 -11.67
CA SER C 71 19.06 28.81 -11.82
C SER C 71 19.42 29.79 -12.93
N GLU C 72 18.62 29.82 -13.99
CA GLU C 72 18.84 30.71 -15.12
C GLU C 72 18.51 32.16 -14.76
N ASN C 73 17.35 32.37 -14.15
CA ASN C 73 16.94 33.72 -13.77
C ASN C 73 17.80 34.31 -12.66
N LYS C 74 18.40 33.46 -11.83
CA LYS C 74 19.30 33.93 -10.79
C LYS C 74 20.65 34.30 -11.39
N ALA C 75 20.95 33.73 -12.56
CA ALA C 75 22.18 34.02 -13.27
C ALA C 75 22.06 35.35 -14.02
N PHE C 76 20.87 35.63 -14.54
CA PHE C 76 20.60 36.89 -15.22
C PHE C 76 20.61 38.07 -14.25
N GLN C 77 19.98 37.86 -13.09
CA GLN C 77 19.87 38.93 -12.10
C GLN C 77 21.22 39.19 -11.43
N ALA C 78 22.15 38.27 -11.60
CA ALA C 78 23.54 38.45 -11.15
C ALA C 78 24.30 39.34 -12.12
N HIS C 79 24.17 39.06 -13.41
CA HIS C 79 24.72 39.91 -14.47
C HIS C 79 24.08 41.29 -14.40
N LEU C 80 22.82 41.35 -13.97
CA LEU C 80 22.12 42.63 -13.82
C LEU C 80 22.75 43.47 -12.72
N HIS C 81 23.10 42.83 -11.60
CA HIS C 81 23.75 43.54 -10.50
C HIS C 81 25.18 43.95 -10.85
N LYS C 82 25.85 43.13 -11.66
CA LYS C 82 27.22 43.42 -12.07
C LYS C 82 27.27 44.19 -13.38
N GLU D 17 9.49 28.32 29.21
CA GLU D 17 8.05 28.13 29.28
C GLU D 17 7.55 27.37 28.06
N LEU D 18 7.24 28.11 27.00
CA LEU D 18 6.75 27.52 25.76
C LEU D 18 7.84 26.67 25.10
N SER D 19 8.98 27.27 24.87
CA SER D 19 10.07 26.63 24.13
C SER D 19 10.55 25.33 24.80
N LYS D 20 10.30 25.19 26.10
CA LYS D 20 10.64 23.97 26.80
C LYS D 20 9.63 22.86 26.50
N LYS D 21 8.34 23.22 26.47
CA LYS D 21 7.29 22.23 26.19
C LYS D 21 7.43 21.62 24.79
N TYR D 22 7.99 22.39 23.86
CA TYR D 22 8.28 21.87 22.52
C TYR D 22 9.35 20.79 22.57
N LEU D 23 10.50 21.14 23.13
CA LEU D 23 11.64 20.22 23.15
C LEU D 23 11.28 18.90 23.83
N ALA D 24 10.30 18.95 24.72
CA ALA D 24 9.89 17.78 25.49
C ALA D 24 9.00 16.87 24.65
N LYS D 25 8.21 17.47 23.77
CA LYS D 25 7.36 16.69 22.88
C LYS D 25 8.15 16.07 21.74
N VAL D 26 9.23 16.72 21.34
CA VAL D 26 10.13 16.14 20.35
C VAL D 26 10.81 14.91 20.94
N LYS D 27 11.07 14.96 22.23
CA LYS D 27 11.66 13.84 22.93
C LYS D 27 10.65 12.69 23.01
N GLU D 28 9.43 13.01 23.42
CA GLU D 28 8.34 12.05 23.53
C GLU D 28 8.11 11.36 22.18
N ARG D 29 7.95 12.16 21.14
CA ARG D 29 7.75 11.65 19.79
C ARG D 29 8.86 10.67 19.45
N HIS D 30 10.10 11.05 19.77
CA HIS D 30 11.25 10.19 19.51
C HIS D 30 11.11 8.86 20.24
N GLU D 31 10.81 8.93 21.54
CA GLU D 31 10.72 7.72 22.37
C GLU D 31 9.64 6.77 21.87
N LEU D 32 8.52 7.34 21.44
CA LEU D 32 7.42 6.55 20.91
C LEU D 32 7.87 5.77 19.68
N LYS D 33 8.47 6.47 18.73
CA LYS D 33 8.97 5.85 17.52
C LYS D 33 9.92 4.69 17.84
N GLU D 34 10.89 4.94 18.70
CA GLU D 34 11.87 3.91 19.05
C GLU D 34 11.15 2.67 19.56
N PHE D 35 10.05 2.88 20.27
CA PHE D 35 9.28 1.79 20.85
C PHE D 35 8.47 1.06 19.78
N ASN D 36 7.74 1.82 18.97
CA ASN D 36 6.90 1.25 17.93
C ASN D 36 7.70 0.38 16.96
N ASN D 37 8.97 0.71 16.82
CA ASN D 37 9.85 -0.05 15.94
C ASN D 37 10.47 -1.23 16.66
N SER D 38 10.10 -1.40 17.93
CA SER D 38 10.50 -2.58 18.69
C SER D 38 9.38 -3.62 18.71
N ILE D 39 8.25 -3.29 18.09
CA ILE D 39 7.11 -4.20 18.07
C ILE D 39 6.72 -4.56 16.64
N SER D 40 6.13 -5.74 16.47
CA SER D 40 5.71 -6.21 15.16
C SER D 40 4.35 -5.64 14.81
N ALA D 41 4.29 -4.90 13.72
CA ALA D 41 3.03 -4.36 13.24
C ALA D 41 2.13 -5.51 12.77
N GLN D 42 2.76 -6.63 12.43
CA GLN D 42 2.04 -7.80 11.96
C GLN D 42 1.26 -8.44 13.12
N ASP D 43 1.98 -8.75 14.20
CA ASP D 43 1.36 -9.40 15.35
C ASP D 43 0.58 -8.43 16.24
N ASN D 44 1.17 -7.25 16.46
CA ASN D 44 0.64 -6.24 17.37
C ASN D 44 -0.27 -5.17 16.74
N TYR D 45 -0.68 -5.40 15.49
CA TYR D 45 -1.25 -4.36 14.64
C TYR D 45 -2.22 -3.40 15.34
N ALA D 46 -3.02 -3.92 16.27
CA ALA D 46 -3.90 -3.05 17.05
C ALA D 46 -3.12 -1.97 17.81
N LYS D 47 -2.17 -2.40 18.64
CA LYS D 47 -1.35 -1.48 19.43
C LYS D 47 -0.51 -0.59 18.52
N TRP D 48 0.19 -1.23 17.61
CA TRP D 48 1.05 -0.55 16.65
C TRP D 48 0.35 0.63 15.99
N THR D 49 -0.87 0.40 15.51
CA THR D 49 -1.63 1.42 14.80
C THR D 49 -2.02 2.55 15.76
N LYS D 50 -2.39 2.19 16.98
CA LYS D 50 -2.72 3.20 17.97
C LYS D 50 -1.53 4.14 18.13
N ASN D 51 -0.37 3.56 18.35
CA ASN D 51 0.87 4.33 18.44
C ASN D 51 1.11 5.24 17.23
N ASN D 52 0.84 4.73 16.03
CA ASN D 52 0.95 5.55 14.83
C ASN D 52 0.06 6.78 14.91
N ARG D 53 -1.14 6.60 15.45
CA ARG D 53 -2.08 7.70 15.60
C ARG D 53 -1.50 8.77 16.54
N LYS D 54 -0.91 8.31 17.64
CA LYS D 54 -0.32 9.21 18.62
C LYS D 54 0.85 9.98 18.01
N LEU D 55 1.71 9.27 17.27
CA LEU D 55 2.83 9.91 16.62
C LEU D 55 2.38 11.06 15.73
N ASP D 56 1.35 10.83 14.92
CA ASP D 56 0.82 11.90 14.08
C ASP D 56 0.31 13.05 14.94
N SER D 57 -0.34 12.72 16.04
CA SER D 57 -0.85 13.72 16.97
C SER D 57 0.30 14.61 17.47
N LEU D 58 1.40 13.97 17.87
CA LEU D 58 2.56 14.72 18.35
C LEU D 58 3.20 15.55 17.23
N ASP D 59 3.42 14.95 16.07
CA ASP D 59 4.01 15.68 14.96
C ASP D 59 3.19 16.95 14.67
N LYS D 60 1.89 16.88 14.97
CA LYS D 60 1.00 18.02 14.76
C LYS D 60 1.23 19.06 15.85
N GLU D 61 1.47 18.58 17.06
CA GLU D 61 1.82 19.45 18.19
C GLU D 61 3.21 20.07 18.03
N ILE D 62 4.23 19.24 17.79
CA ILE D 62 5.57 19.77 17.59
C ILE D 62 5.55 20.88 16.55
N ASN D 63 4.86 20.64 15.44
CA ASN D 63 4.83 21.63 14.38
C ASN D 63 3.91 22.80 14.69
N ASN D 64 3.14 22.67 15.76
CA ASN D 64 2.40 23.80 16.31
C ASN D 64 3.28 24.69 17.20
N LEU D 65 4.12 24.06 18.01
CA LEU D 65 5.01 24.80 18.90
C LEU D 65 6.14 25.51 18.15
N LYS D 66 6.68 24.87 17.11
CA LYS D 66 7.66 25.52 16.24
C LYS D 66 7.09 26.83 15.73
N ASP D 67 5.82 26.82 15.34
CA ASP D 67 5.14 28.00 14.85
C ASP D 67 5.03 29.08 15.93
N GLU D 68 4.46 28.70 17.08
CA GLU D 68 4.33 29.61 18.21
C GLU D 68 5.69 30.20 18.60
N ILE D 69 6.69 29.32 18.69
CA ILE D 69 8.03 29.71 19.08
C ILE D 69 8.63 30.78 18.16
N GLN D 70 8.72 30.47 16.87
CA GLN D 70 9.26 31.40 15.89
C GLN D 70 8.40 32.65 15.76
N SER D 71 7.11 32.53 16.07
CA SER D 71 6.18 33.66 15.96
C SER D 71 6.38 34.70 17.06
N GLU D 72 6.41 34.26 18.31
CA GLU D 72 6.60 35.17 19.43
C GLU D 72 8.01 35.77 19.39
N ASN D 73 8.88 35.17 18.58
CA ASN D 73 10.21 35.72 18.31
C ASN D 73 10.14 36.89 17.33
N LYS D 74 9.69 36.59 16.12
CA LYS D 74 9.52 37.60 15.08
C LYS D 74 8.74 38.80 15.61
N ALA D 75 7.81 38.55 16.53
CA ALA D 75 6.99 39.61 17.11
C ALA D 75 7.68 40.25 18.32
N PHE D 76 8.77 39.65 18.78
CA PHE D 76 9.49 40.13 19.94
C PHE D 76 10.29 41.41 19.67
N GLN D 77 10.48 41.73 18.39
CA GLN D 77 11.30 42.87 17.99
C GLN D 77 10.74 44.22 18.47
N ALA D 78 9.51 44.20 18.96
CA ALA D 78 8.88 45.41 19.50
C ALA D 78 9.57 45.86 20.78
#